data_3Q51
# 
_entry.id   3Q51 
# 
_audit_conform.dict_name       mmcif_pdbx.dic 
_audit_conform.dict_version    5.379 
_audit_conform.dict_location   http://mmcif.pdb.org/dictionaries/ascii/mmcif_pdbx.dic 
# 
loop_
_database_2.database_id 
_database_2.database_code 
_database_2.pdbx_database_accession 
_database_2.pdbx_DOI 
PDB   3Q51         pdb_00003q51 10.2210/pdb3q51/pdb 
NDB   NA0897       ?            ?                   
RCSB  RCSB063202   ?            ?                   
WWPDB D_1000063202 ?            ?                   
# 
loop_
_pdbx_database_related.db_name 
_pdbx_database_related.db_id 
_pdbx_database_related.details 
_pdbx_database_related.content_type 
PDB 3GCA 'Crystal structure of PreQ1 riboswitch with PreQ0 metabolite bound' unspecified 
PDB 3Q50 .                                                                   unspecified 
# 
_pdbx_database_status.entry_id                        3Q51 
_pdbx_database_status.status_code                     REL 
_pdbx_database_status.deposit_site                    RCSB 
_pdbx_database_status.process_site                    RCSB 
_pdbx_database_status.recvd_initial_deposition_date   2010-12-26 
_pdbx_database_status.status_code_sf                  REL 
_pdbx_database_status.status_code_mr                  ? 
_pdbx_database_status.SG_entry                        ? 
_pdbx_database_status.status_code_cs                  ? 
_pdbx_database_status.pdb_format_compatible           Y 
_pdbx_database_status.methods_development_category    ? 
_pdbx_database_status.status_code_nmr_data            ? 
# 
loop_
_audit_author.name 
_audit_author.pdbx_ordinal 
'Wedekind, J.E.' 1 
'Jenkins, J.L.'  2 
'Krucinska, J.'  3 
# 
loop_
_citation.id 
_citation.title 
_citation.journal_abbrev 
_citation.journal_volume 
_citation.page_first 
_citation.page_last 
_citation.year 
_citation.journal_id_ASTM 
_citation.country 
_citation.journal_id_ISSN 
_citation.journal_id_CSD 
_citation.book_publisher 
_citation.pdbx_database_id_PubMed 
_citation.pdbx_database_id_DOI 
primary 'Comparison of a preQ1 riboswitch aptamer in metabolite-bound and free states with implications for gene regulation.' 
J.Biol.Chem. 286 24626 24637 2011 JBCHA3 US 0021-9258 0071 ? 21592962 10.1074/jbc.M111.230375 
1       'The structural basis for recognition of the PreQ0 metabolite by an unusually small riboswitch aptamer domain.'       
J.Biol.Chem. 284 11012 11016 2010 JBCHA3 US 0021-9258 0071 ? 19261617 ?                       
# 
loop_
_citation_author.citation_id 
_citation_author.name 
_citation_author.ordinal 
_citation_author.identifier_ORCID 
primary 'Jenkins, J.L.'  1  ? 
primary 'Krucinska, J.'  2  ? 
primary 'McCarty, R.M.'  3  ? 
primary 'Bandarian, V.'  4  ? 
primary 'Wedekind, J.E.' 5  ? 
1       'Spitale, R.C.'  6  ? 
1       'Torelli, A.T.'  7  ? 
1       'Krucinska, J.'  8  ? 
1       'Bandarian, V.'  9  ? 
1       'Wedekind, J.E.' 10 ? 
# 
_cell.length_a           116.558 
_cell.length_b           116.558 
_cell.length_c           57.926 
_cell.angle_alpha        90.000 
_cell.angle_beta         90.000 
_cell.angle_gamma        120.000 
_cell.entry_id           3Q51 
_cell.pdbx_unique_axis   ? 
_cell.Z_PDB              12 
_cell.length_a_esd       ? 
_cell.length_b_esd       ? 
_cell.length_c_esd       ? 
_cell.angle_alpha_esd    ? 
_cell.angle_beta_esd     ? 
_cell.angle_gamma_esd    ? 
# 
_symmetry.space_group_name_H-M             'P 63 2 2' 
_symmetry.entry_id                         3Q51 
_symmetry.Int_Tables_number                182 
_symmetry.pdbx_full_space_group_name_H-M   ? 
_symmetry.cell_setting                     ? 
_symmetry.space_group_name_Hall            ? 
# 
loop_
_entity.id 
_entity.type 
_entity.src_method 
_entity.pdbx_description 
_entity.formula_weight 
_entity.pdbx_number_of_molecules 
_entity.pdbx_ec 
_entity.pdbx_mutation 
_entity.pdbx_fragment 
_entity.details 
1 polymer     syn 'PREQ1 RIBOSWITCH' 10599.417 1 ? ? ? ? 
2 non-polymer syn 'SULFATE ION'      96.063    1 ? ? ? ? 
3 non-polymer syn 'MAGNESIUM ION'    24.305    1 ? ? ? ? 
4 water       nat water              18.015    4 ? ? ? ? 
# 
_entity_poly.entity_id                      1 
_entity_poly.type                           polyribonucleotide 
_entity_poly.nstd_linkage                   no 
_entity_poly.nstd_monomer                   no 
_entity_poly.pdbx_seq_one_letter_code       CUGGGUCGCAGUAACCCCAGUUAACAAAACAAG 
_entity_poly.pdbx_seq_one_letter_code_can   CUGGGUCGCAGUAACCCCAGUUAACAAAACAAG 
_entity_poly.pdbx_strand_id                 A 
_entity_poly.pdbx_target_identifier         ? 
# 
loop_
_entity_poly_seq.entity_id 
_entity_poly_seq.num 
_entity_poly_seq.mon_id 
_entity_poly_seq.hetero 
1 1  C n 
1 2  U n 
1 3  G n 
1 4  G n 
1 5  G n 
1 6  U n 
1 7  C n 
1 8  G n 
1 9  C n 
1 10 A n 
1 11 G n 
1 12 U n 
1 13 A n 
1 14 A n 
1 15 C n 
1 16 C n 
1 17 C n 
1 18 C n 
1 19 A n 
1 20 G n 
1 21 U n 
1 22 U n 
1 23 A n 
1 24 A n 
1 25 C n 
1 26 A n 
1 27 A n 
1 28 A n 
1 29 A n 
1 30 C n 
1 31 A n 
1 32 A n 
1 33 G n 
# 
_pdbx_entity_src_syn.entity_id              1 
_pdbx_entity_src_syn.pdbx_src_id            1 
_pdbx_entity_src_syn.pdbx_alt_source_flag   sample 
_pdbx_entity_src_syn.pdbx_beg_seq_num       ? 
_pdbx_entity_src_syn.pdbx_end_seq_num       ? 
_pdbx_entity_src_syn.organism_scientific    ? 
_pdbx_entity_src_syn.organism_common_name   ? 
_pdbx_entity_src_syn.ncbi_taxonomy_id       ? 
_pdbx_entity_src_syn.details                
'The RNA strand was chemically synthesized based on the sequence of a class I, Type 1 PreQ1 riboswitch aptamer from T. tengcongensis' 
# 
_struct_ref.id                         1 
_struct_ref.db_name                    PDB 
_struct_ref.db_code                    3Q51 
_struct_ref.pdbx_db_accession          3Q51 
_struct_ref.entity_id                  1 
_struct_ref.pdbx_align_begin           ? 
_struct_ref.pdbx_seq_one_letter_code   CUGGGUCGCAGUAACCCCAGUUAACAAAACAAG 
_struct_ref.pdbx_db_isoform            ? 
# 
_struct_ref_seq.align_id                      1 
_struct_ref_seq.ref_id                        1 
_struct_ref_seq.pdbx_PDB_id_code              3Q51 
_struct_ref_seq.pdbx_strand_id                A 
_struct_ref_seq.seq_align_beg                 1 
_struct_ref_seq.pdbx_seq_align_beg_ins_code   ? 
_struct_ref_seq.seq_align_end                 33 
_struct_ref_seq.pdbx_seq_align_end_ins_code   ? 
_struct_ref_seq.pdbx_db_accession             3Q51 
_struct_ref_seq.db_align_beg                  1 
_struct_ref_seq.pdbx_db_align_beg_ins_code    ? 
_struct_ref_seq.db_align_end                  33 
_struct_ref_seq.pdbx_db_align_end_ins_code    ? 
_struct_ref_seq.pdbx_auth_seq_align_beg       1 
_struct_ref_seq.pdbx_auth_seq_align_end       33 
# 
loop_
_chem_comp.id 
_chem_comp.type 
_chem_comp.mon_nstd_flag 
_chem_comp.name 
_chem_comp.pdbx_synonyms 
_chem_comp.formula 
_chem_comp.formula_weight 
A   'RNA linking' y "ADENOSINE-5'-MONOPHOSPHATE" ? 'C10 H14 N5 O7 P' 347.221 
C   'RNA linking' y "CYTIDINE-5'-MONOPHOSPHATE"  ? 'C9 H14 N3 O8 P'  323.197 
G   'RNA linking' y "GUANOSINE-5'-MONOPHOSPHATE" ? 'C10 H14 N5 O8 P' 363.221 
HOH non-polymer   . WATER                        ? 'H2 O'            18.015  
MG  non-polymer   . 'MAGNESIUM ION'              ? 'Mg 2'            24.305  
SO4 non-polymer   . 'SULFATE ION'                ? 'O4 S -2'         96.063  
U   'RNA linking' y "URIDINE-5'-MONOPHOSPHATE"   ? 'C9 H13 N2 O9 P'  324.181 
# 
_exptl.crystals_number   1 
_exptl.entry_id          3Q51 
_exptl.method            'X-RAY DIFFRACTION' 
# 
_exptl_crystal.id                    1 
_exptl_crystal.density_Matthews      5.358 
_exptl_crystal.density_meas          ? 
_exptl_crystal.density_percent_sol   77.044 
_exptl_crystal.description           ? 
_exptl_crystal.F_000                 ? 
_exptl_crystal.preparation           ? 
# 
_exptl_crystal_grow.crystal_id      1 
_exptl_crystal_grow.method          'VAPOR DIFFUSION, HANGING DROP' 
_exptl_crystal_grow.pH              6.0 
_exptl_crystal_grow.temp            295 
_exptl_crystal_grow.pdbx_details    
'1.5 M Li2SO4, 0.2 M MES pH 6.0, 0.02 M Magnesium sulfate, and 0.002 M spermine-HCl, VAPOR DIFFUSION, HANGING DROP, temperature 295K' 
_exptl_crystal_grow.temp_details    ? 
_exptl_crystal_grow.pdbx_pH_range   ? 
# 
_diffrn.id                     1 
_diffrn.ambient_temp           100 
_diffrn.ambient_temp_details   ? 
_diffrn.crystal_id             1 
# 
_diffrn_detector.diffrn_id              1 
_diffrn_detector.detector               CCD 
_diffrn_detector.type                   'MARMOSAIC 325 mm CCD' 
_diffrn_detector.pdbx_collection_date   2010-04-16 
_diffrn_detector.details                'Rh coated flat mirror, toroidal focusing mirror' 
# 
_diffrn_radiation.diffrn_id                        1 
_diffrn_radiation.pdbx_diffrn_protocol             'SINGLE WAVELENGTH' 
_diffrn_radiation.monochromator                    'Si(111)' 
_diffrn_radiation.wavelength_id                    1 
_diffrn_radiation.pdbx_monochromatic_or_laue_m_l   M 
_diffrn_radiation.pdbx_scattering_type             x-ray 
# 
_diffrn_radiation_wavelength.id           1 
_diffrn_radiation_wavelength.wavelength   0.98 
_diffrn_radiation_wavelength.wt           1.0 
# 
_diffrn_source.diffrn_id                   1 
_diffrn_source.source                      SYNCHROTRON 
_diffrn_source.type                        'SSRL BEAMLINE BL9-2' 
_diffrn_source.pdbx_wavelength_list        0.98 
_diffrn_source.pdbx_wavelength             ? 
_diffrn_source.pdbx_synchrotron_site       SSRL 
_diffrn_source.pdbx_synchrotron_beamline   BL9-2 
# 
_reflns.entry_id                     3Q51 
_reflns.d_resolution_high            2.85 
_reflns.d_resolution_low             50.000 
_reflns.number_obs                   5771 
_reflns.pdbx_Rmerge_I_obs            0.075 
_reflns.pdbx_netI_over_sigmaI        14.800 
_reflns.pdbx_chi_squared             1.292 
_reflns.pdbx_redundancy              7.200 
_reflns.percent_possible_obs         99.200 
_reflns.observed_criterion_sigma_F   0 
_reflns.observed_criterion_sigma_I   -3 
_reflns.number_all                   ? 
_reflns.pdbx_Rsym_value              ? 
_reflns.B_iso_Wilson_estimate        70.4 
_reflns.R_free_details               ? 
_reflns.limit_h_max                  ? 
_reflns.limit_h_min                  ? 
_reflns.limit_k_max                  ? 
_reflns.limit_k_min                  ? 
_reflns.limit_l_max                  ? 
_reflns.limit_l_min                  ? 
_reflns.observed_criterion_F_max     ? 
_reflns.observed_criterion_F_min     ? 
_reflns.pdbx_scaling_rejects         ? 
_reflns.pdbx_ordinal                 1 
_reflns.pdbx_diffrn_id               1 
# 
loop_
_reflns_shell.d_res_high 
_reflns_shell.d_res_low 
_reflns_shell.number_measured_obs 
_reflns_shell.number_measured_all 
_reflns_shell.number_unique_obs 
_reflns_shell.Rmerge_I_obs 
_reflns_shell.meanI_over_sigI_obs 
_reflns_shell.pdbx_Rsym_value 
_reflns_shell.pdbx_chi_squared 
_reflns_shell.pdbx_redundancy 
_reflns_shell.percent_possible_obs 
_reflns_shell.number_unique_all 
_reflns_shell.percent_possible_all 
_reflns_shell.pdbx_ordinal 
_reflns_shell.pdbx_diffrn_id 
2.850 2.950  ? ? ? 0.357 ? ? 0.875 8.400 ? 558 100.00 1  1 
2.950 3.070  ? ? ? 0.249 ? ? 0.960 8.400 ? 564 99.800 2  1 
3.070 3.210  ? ? ? 0.178 ? ? 1.237 8.300 ? 562 100.00 3  1 
3.210 3.380  ? ? ? 0.118 ? ? 1.845 7.700 ? 563 100.00 4  1 
3.380 3.590  ? ? ? 0.099 ? ? 1.455 7.500 ? 570 99.800 5  1 
3.590 3.870  ? ? ? 0.085 ? ? 1.529 7.000 ? 577 99.800 6  1 
3.870 4.260  ? ? ? 0.074 ? ? 1.422 6.800 ? 567 99.600 7  1 
4.260 4.870  ? ? ? 0.058 ? ? 1.258 6.300 ? 595 99.800 8  1 
4.870 6.140  ? ? ? 0.048 ? ? 1.234 5.600 ? 592 99.500 9  1 
6.140 50.000 ? ? ? 0.056 ? ? 1.034 5.600 ? 623 94.400 10 1 
# 
_refine.entry_id                                 3Q51 
_refine.ls_d_res_high                            2.8500 
_refine.ls_d_res_low                             27.8400 
_refine.pdbx_ls_sigma_F                          0.000 
_refine.pdbx_data_cutoff_high_absF               ? 
_refine.pdbx_data_cutoff_low_absF                ? 
_refine.ls_percent_reflns_obs                    97.5800 
_refine.ls_number_reflns_obs                     5639 
_refine.ls_number_reflns_all                     ? 
_refine.pdbx_ls_cross_valid_method               THROUGHOUT 
_refine.pdbx_R_Free_selection_details            'copied R-free set from 3GCA' 
_refine.details                                  ? 
_refine.ls_R_factor_all                          ? 
_refine.ls_R_factor_obs                          0.2306 
_refine.ls_R_factor_R_work                       0.2260 
_refine.ls_wR_factor_R_work                      ? 
_refine.ls_R_factor_R_free                       0.2722 
_refine.ls_wR_factor_R_free                      ? 
_refine.ls_percent_reflns_R_free                 9.9500 
_refine.ls_number_reflns_R_free                  561 
_refine.ls_R_factor_R_free_error                 ? 
_refine.B_iso_mean                               56.6848 
_refine.solvent_model_param_bsol                 50.2930 
_refine.solvent_model_param_ksol                 0.2630 
_refine.pdbx_isotropic_thermal_model             ? 
_refine.aniso_B[1][1]                            10.6047 
_refine.aniso_B[2][2]                            10.6047 
_refine.aniso_B[3][3]                            -21.2094 
_refine.aniso_B[1][2]                            0.0000 
_refine.aniso_B[1][3]                            -0.0000 
_refine.aniso_B[2][3]                            0.0000 
_refine.correlation_coeff_Fo_to_Fc               ? 
_refine.correlation_coeff_Fo_to_Fc_free          ? 
_refine.overall_SU_R_Cruickshank_DPI             ? 
_refine.overall_SU_R_free                        ? 
_refine.pdbx_overall_ESU_R_Free                  ? 
_refine.overall_SU_ML                            0.4000 
_refine.overall_SU_B                             ? 
_refine.solvent_model_details                    'FLAT BULK SOLVENT MODEL' 
_refine.pdbx_solvent_vdw_probe_radii             1.0000 
_refine.pdbx_solvent_ion_probe_radii             ? 
_refine.pdbx_solvent_shrinkage_radii             0.7200 
_refine.ls_number_parameters                     ? 
_refine.ls_number_restraints                     ? 
_refine.pdbx_starting_model                      3GCA 
_refine.pdbx_method_to_determine_struct          'FOURIER SYNTHESIS' 
_refine.pdbx_stereochemistry_target_values       ? 
_refine.pdbx_stereochem_target_val_spec_case     ? 
_refine.overall_FOM_work_R_set                   ? 
_refine.B_iso_max                                104.740 
_refine.B_iso_min                                34.720 
_refine.occupancy_max                            1.000 
_refine.occupancy_min                            0.500 
_refine.pdbx_ls_sigma_I                          ? 
_refine.ls_redundancy_reflns_obs                 ? 
_refine.ls_R_factor_R_free_error_details         ? 
_refine.pdbx_data_cutoff_high_rms_absF           ? 
_refine.overall_FOM_free_R_set                   ? 
_refine.pdbx_overall_phase_error                 ? 
_refine.pdbx_refine_id                           'X-RAY DIFFRACTION' 
_refine.pdbx_overall_ESU_R                       ? 
_refine.pdbx_diffrn_id                           1 
_refine.pdbx_TLS_residual_ADP_flag               ? 
_refine.pdbx_overall_SU_R_free_Cruickshank_DPI   ? 
_refine.pdbx_overall_SU_R_Blow_DPI               ? 
_refine.pdbx_overall_SU_R_free_Blow_DPI          ? 
# 
_refine_analyze.entry_id                        3Q51 
_refine_analyze.Luzzati_coordinate_error_obs    ? 
_refine_analyze.Luzzati_sigma_a_obs             0.40 
_refine_analyze.Luzzati_d_res_low_obs           ? 
_refine_analyze.Luzzati_coordinate_error_free   ? 
_refine_analyze.Luzzati_sigma_a_free            ? 
_refine_analyze.Luzzati_d_res_low_free          ? 
_refine_analyze.number_disordered_residues      ? 
_refine_analyze.occupancy_sum_non_hydrogen      ? 
_refine_analyze.occupancy_sum_hydrogen          ? 
_refine_analyze.pdbx_Luzzati_d_res_high_obs     ? 
_refine_analyze.pdbx_refine_id                  'X-RAY DIFFRACTION' 
# 
_refine_hist.pdbx_refine_id                   'X-RAY DIFFRACTION' 
_refine_hist.cycle_id                         LAST 
_refine_hist.pdbx_number_atoms_protein        0 
_refine_hist.pdbx_number_atoms_nucleic_acid   680 
_refine_hist.pdbx_number_atoms_ligand         6 
_refine_hist.number_atoms_solvent             4 
_refine_hist.number_atoms_total               690 
_refine_hist.d_res_high                       2.8500 
_refine_hist.d_res_low                        27.8400 
# 
loop_
_refine_ls_restr.type 
_refine_ls_restr.number 
_refine_ls_restr.dev_ideal 
_refine_ls_restr.dev_ideal_target 
_refine_ls_restr.weight 
_refine_ls_restr.pdbx_refine_id 
_refine_ls_restr.pdbx_restraint_function 
f_bond_d           764  0.006  ? ? 'X-RAY DIFFRACTION' ? 
f_angle_d          1186 0.844  ? ? 'X-RAY DIFFRACTION' ? 
f_chiral_restr     159  0.056  ? ? 'X-RAY DIFFRACTION' ? 
f_plane_restr      32   0.008  ? ? 'X-RAY DIFFRACTION' ? 
f_dihedral_angle_d 377  19.382 ? ? 'X-RAY DIFFRACTION' ? 
# 
loop_
_refine_ls_shell.d_res_high 
_refine_ls_shell.d_res_low 
_refine_ls_shell.pdbx_total_number_of_bins_used 
_refine_ls_shell.percent_reflns_obs 
_refine_ls_shell.number_reflns_R_work 
_refine_ls_shell.R_factor_all 
_refine_ls_shell.R_factor_R_work 
_refine_ls_shell.R_factor_R_free 
_refine_ls_shell.percent_reflns_R_free 
_refine_ls_shell.number_reflns_R_free 
_refine_ls_shell.R_factor_R_free_error 
_refine_ls_shell.number_reflns_all 
_refine_ls_shell.number_reflns_obs 
_refine_ls_shell.redundancy_reflns_obs 
_refine_ls_shell.pdbx_refine_id 
2.850  3.1366  4 95.0000 1210 . 0.3714 0.3643 . 129 . 1339 . . 'X-RAY DIFFRACTION' 
3.1366 3.5897  4 98.0000 1243 . 0.2379 0.3131 . 136 . 1379 . . 'X-RAY DIFFRACTION' 
3.5897 4.5195  4 99.0000 1279 . 0.2294 0.2707 . 143 . 1422 . . 'X-RAY DIFFRACTION' 
4.5195 27.8410 4 98.0000 1346 . 0.1907 0.2403 . 153 . 1499 . . 'X-RAY DIFFRACTION' 
# 
_struct.entry_id                  3Q51 
_struct.title                     'Structural analysis of a class I PreQ1 riboswitch aptamer in the metabolite-free state.' 
_struct.pdbx_model_details        ? 
_struct.pdbx_CASP_flag            ? 
_struct.pdbx_model_type_details   ? 
# 
_struct_keywords.entry_id        3Q51 
_struct_keywords.text            'PREQ1, PREQ0, RNA, RIBOSOMAL BINDING SITE, APTAMER, METABOLITE, Pseudoknot, H-type, RIBOSWITCH' 
_struct_keywords.pdbx_keywords   RNA 
# 
loop_
_struct_asym.id 
_struct_asym.pdbx_blank_PDB_chainid_flag 
_struct_asym.pdbx_modified 
_struct_asym.entity_id 
_struct_asym.details 
A N N 1 ? 
B N N 2 ? 
C N N 3 ? 
D N N 4 ? 
# 
_struct_biol.id        1 
_struct_biol.details   ? 
# 
loop_
_struct_conn.id 
_struct_conn.conn_type_id 
_struct_conn.pdbx_leaving_atom_flag 
_struct_conn.pdbx_PDB_id 
_struct_conn.ptnr1_label_asym_id 
_struct_conn.ptnr1_label_comp_id 
_struct_conn.ptnr1_label_seq_id 
_struct_conn.ptnr1_label_atom_id 
_struct_conn.pdbx_ptnr1_label_alt_id 
_struct_conn.pdbx_ptnr1_PDB_ins_code 
_struct_conn.pdbx_ptnr1_standard_comp_id 
_struct_conn.ptnr1_symmetry 
_struct_conn.ptnr2_label_asym_id 
_struct_conn.ptnr2_label_comp_id 
_struct_conn.ptnr2_label_seq_id 
_struct_conn.ptnr2_label_atom_id 
_struct_conn.pdbx_ptnr2_label_alt_id 
_struct_conn.pdbx_ptnr2_PDB_ins_code 
_struct_conn.ptnr1_auth_asym_id 
_struct_conn.ptnr1_auth_comp_id 
_struct_conn.ptnr1_auth_seq_id 
_struct_conn.ptnr2_auth_asym_id 
_struct_conn.ptnr2_auth_comp_id 
_struct_conn.ptnr2_auth_seq_id 
_struct_conn.ptnr2_symmetry 
_struct_conn.pdbx_ptnr3_label_atom_id 
_struct_conn.pdbx_ptnr3_label_seq_id 
_struct_conn.pdbx_ptnr3_label_comp_id 
_struct_conn.pdbx_ptnr3_label_asym_id 
_struct_conn.pdbx_ptnr3_label_alt_id 
_struct_conn.pdbx_ptnr3_PDB_ins_code 
_struct_conn.details 
_struct_conn.pdbx_dist_value 
_struct_conn.pdbx_value_order 
_struct_conn.pdbx_role 
hydrog1  hydrog ? ? A C 1  N3 ? ? ? 1_555 A G 20 N1 ? ? A C 1  A G 20 1_555 ? ? ? ? ? ? WATSON-CRICK  ? ? ? 
hydrog2  hydrog ? ? A C 1  N4 ? ? ? 1_555 A G 20 O6 ? ? A C 1  A G 20 1_555 ? ? ? ? ? ? WATSON-CRICK  ? ? ? 
hydrog3  hydrog ? ? A C 1  O2 ? ? ? 1_555 A G 20 N2 ? ? A C 1  A G 20 1_555 ? ? ? ? ? ? WATSON-CRICK  ? ? ? 
hydrog4  hydrog ? ? A U 2  N3 ? ? ? 1_555 A A 19 N1 ? ? A U 2  A A 19 1_555 ? ? ? ? ? ? WATSON-CRICK  ? ? ? 
hydrog5  hydrog ? ? A U 2  O4 ? ? ? 1_555 A A 19 N6 ? ? A U 2  A A 19 1_555 ? ? ? ? ? ? WATSON-CRICK  ? ? ? 
hydrog6  hydrog ? ? A G 3  N1 ? ? ? 1_555 A C 18 N3 ? ? A G 3  A C 18 1_555 ? ? ? ? ? ? WATSON-CRICK  ? ? ? 
hydrog7  hydrog ? ? A G 3  N2 ? ? ? 1_555 A C 18 O2 ? ? A G 3  A C 18 1_555 ? ? ? ? ? ? WATSON-CRICK  ? ? ? 
hydrog8  hydrog ? ? A G 3  O6 ? ? ? 1_555 A C 18 N4 ? ? A G 3  A C 18 1_555 ? ? ? ? ? ? WATSON-CRICK  ? ? ? 
hydrog9  hydrog ? ? A G 4  N1 ? ? ? 1_555 A C 17 N3 ? ? A G 4  A C 17 1_555 ? ? ? ? ? ? WATSON-CRICK  ? ? ? 
hydrog10 hydrog ? ? A G 4  N2 ? ? ? 1_555 A C 17 O2 ? ? A G 4  A C 17 1_555 ? ? ? ? ? ? WATSON-CRICK  ? ? ? 
hydrog11 hydrog ? ? A G 4  O6 ? ? ? 1_555 A C 17 N4 ? ? A G 4  A C 17 1_555 ? ? ? ? ? ? WATSON-CRICK  ? ? ? 
hydrog12 hydrog ? ? A G 5  N1 ? ? ? 1_555 A C 16 N3 ? ? A G 5  A C 16 1_555 ? ? ? ? ? ? WATSON-CRICK  ? ? ? 
hydrog13 hydrog ? ? A G 5  N2 ? ? ? 1_555 A C 16 O2 ? ? A G 5  A C 16 1_555 ? ? ? ? ? ? WATSON-CRICK  ? ? ? 
hydrog14 hydrog ? ? A G 5  O6 ? ? ? 1_555 A C 16 N4 ? ? A G 5  A C 16 1_555 ? ? ? ? ? ? WATSON-CRICK  ? ? ? 
hydrog15 hydrog ? ? A G 5  N2 ? ? ? 1_555 A A 27 N1 ? ? A G 5  A A 27 1_555 ? ? ? ? ? ? TYPE_10_PAIR  ? ? ? 
hydrog16 hydrog ? ? A G 5  N3 ? ? ? 1_555 A A 27 N6 ? ? A G 5  A A 27 1_555 ? ? ? ? ? ? TYPE_10_PAIR  ? ? ? 
hydrog17 hydrog ? ? A U 6  O4 ? ? ? 1_555 A A 14 N6 ? ? A U 6  A A 14 1_555 ? ? ? ? ? ? 'U-A PAIR'    ? ? ? 
hydrog18 hydrog ? ? A U 6  N3 ? ? ? 1_555 A A 28 N7 ? ? A U 6  A A 28 1_555 ? ? ? ? ? ? HOOGSTEEN     ? ? ? 
hydrog19 hydrog ? ? A U 6  O4 ? ? ? 1_555 A A 28 N6 ? ? A U 6  A A 28 1_555 ? ? ? ? ? ? HOOGSTEEN     ? ? ? 
hydrog20 hydrog ? ? A C 7  N4 ? ? ? 1_555 A G 11 N7 ? ? A C 7  A G 11 1_555 ? ? ? ? ? ? 'C-G PAIR'    ? ? ? 
hydrog21 hydrog ? ? A C 7  O2 ? ? ? 1_555 A C 30 N4 ? ? A C 7  A C 30 1_555 ? ? ? ? ? ? 'C-C MISPAIR' ? ? ? 
hydrog22 hydrog ? ? A G 8  N2 ? ? ? 1_555 A A 31 N1 ? ? A G 8  A A 31 1_555 ? ? ? ? ? ? TYPE_10_PAIR  ? ? ? 
hydrog23 hydrog ? ? A G 8  N3 ? ? ? 1_555 A A 31 N6 ? ? A G 8  A A 31 1_555 ? ? ? ? ? ? TYPE_10_PAIR  ? ? ? 
hydrog24 hydrog ? ? A C 9  N3 ? ? ? 1_555 A G 33 N1 ? ? A C 9  A G 33 1_555 ? ? ? ? ? ? WATSON-CRICK  ? ? ? 
hydrog25 hydrog ? ? A C 9  N4 ? ? ? 1_555 A G 33 O6 ? ? A C 9  A G 33 1_555 ? ? ? ? ? ? WATSON-CRICK  ? ? ? 
hydrog26 hydrog ? ? A C 9  O2 ? ? ? 1_555 A G 33 N2 ? ? A C 9  A G 33 1_555 ? ? ? ? ? ? WATSON-CRICK  ? ? ? 
hydrog27 hydrog ? ? A A 10 N3 ? ? ? 1_555 A A 32 N6 ? ? A A 10 A A 32 1_555 ? ? ? ? ? ? 'A-A MISPAIR' ? ? ? 
hydrog28 hydrog ? ? A G 11 N1 ? ? ? 1_555 A C 30 N3 ? ? A G 11 A C 30 1_555 ? ? ? ? ? ? WATSON-CRICK  ? ? ? 
hydrog29 hydrog ? ? A G 11 N2 ? ? ? 1_555 A C 30 O2 ? ? A G 11 A C 30 1_555 ? ? ? ? ? ? WATSON-CRICK  ? ? ? 
hydrog30 hydrog ? ? A G 11 O6 ? ? ? 1_555 A C 30 N4 ? ? A G 11 A C 30 1_555 ? ? ? ? ? ? WATSON-CRICK  ? ? ? 
hydrog31 hydrog ? ? A A 14 N1 ? ? ? 1_555 A A 29 N6 ? ? A A 14 A A 29 1_555 ? ? ? ? ? ? 'A-A MISPAIR' ? ? ? 
hydrog32 hydrog ? ? A C 16 O2 ? ? ? 1_555 A A 28 N6 ? ? A C 16 A A 28 1_555 ? ? ? ? ? ? 'C-A MISPAIR' ? ? ? 
hydrog33 hydrog ? ? A C 17 O2 ? ? ? 1_555 A A 26 N6 ? ? A C 17 A A 26 1_555 ? ? ? ? ? ? 'C-A MISPAIR' ? ? ? 
hydrog34 hydrog ? ? A G 20 N2 ? ? ? 1_555 A U 21 O4 ? ? A G 20 A U 21 1_555 ? ? ? ? ? ? 'G-U MISPAIR' ? ? ? 
# 
_struct_conn_type.id          hydrog 
_struct_conn_type.criteria    ? 
_struct_conn_type.reference   ? 
# 
loop_
_struct_site.id 
_struct_site.pdbx_evidence_code 
_struct_site.pdbx_auth_asym_id 
_struct_site.pdbx_auth_comp_id 
_struct_site.pdbx_auth_seq_id 
_struct_site.pdbx_auth_ins_code 
_struct_site.pdbx_num_residues 
_struct_site.details 
AC1 Software A SO4 103 ? 1 'BINDING SITE FOR RESIDUE SO4 A 103' 
AC2 Software A MG  105 ? 1 'BINDING SITE FOR RESIDUE MG A 105'  
# 
loop_
_struct_site_gen.id 
_struct_site_gen.site_id 
_struct_site_gen.pdbx_num_res 
_struct_site_gen.label_comp_id 
_struct_site_gen.label_asym_id 
_struct_site_gen.label_seq_id 
_struct_site_gen.pdbx_auth_ins_code 
_struct_site_gen.auth_comp_id 
_struct_site_gen.auth_asym_id 
_struct_site_gen.auth_seq_id 
_struct_site_gen.label_atom_id 
_struct_site_gen.label_alt_id 
_struct_site_gen.symmetry 
_struct_site_gen.details 
1 AC1 1 C A 18 ? C A 18 . ? 1_555 ? 
2 AC2 1 G A 5  ? G A 5  . ? 1_555 ? 
# 
_atom_sites.entry_id                    3Q51 
_atom_sites.fract_transf_matrix[1][1]   0.00984614 
_atom_sites.fract_transf_matrix[1][2]   0.00052311 
_atom_sites.fract_transf_matrix[1][3]   -0.00095460 
_atom_sites.fract_transf_matrix[2][1]   0.00583859 
_atom_sites.fract_transf_matrix[2][2]   -0.00552469 
_atom_sites.fract_transf_matrix[2][3]   0.00579114 
_atom_sites.fract_transf_matrix[3][1]   -0.00045588 
_atom_sites.fract_transf_matrix[3][2]   -0.01271362 
_atom_sites.fract_transf_matrix[3][3]   -0.01166907 
_atom_sites.fract_transf_vector[1]      0.509720 
_atom_sites.fract_transf_vector[2]      0.379780 
_atom_sites.fract_transf_vector[3]      0.461216 
# 
loop_
_atom_type.symbol 
C  
MG 
N  
O  
P  
S  
# 
loop_
_atom_site.group_PDB 
_atom_site.id 
_atom_site.type_symbol 
_atom_site.label_atom_id 
_atom_site.label_alt_id 
_atom_site.label_comp_id 
_atom_site.label_asym_id 
_atom_site.label_entity_id 
_atom_site.label_seq_id 
_atom_site.pdbx_PDB_ins_code 
_atom_site.Cartn_x 
_atom_site.Cartn_y 
_atom_site.Cartn_z 
_atom_site.occupancy 
_atom_site.B_iso_or_equiv 
_atom_site.pdbx_formal_charge 
_atom_site.auth_seq_id 
_atom_site.auth_comp_id 
_atom_site.auth_asym_id 
_atom_site.auth_atom_id 
_atom_site.pdbx_PDB_model_num 
ATOM   1   O  "O5'" . C   A 1 1  ? 4.767   -6.694  14.950  1.00 50.16  ? 1   C   A "O5'" 1 
ATOM   2   C  "C5'" . C   A 1 1  ? 5.510   -6.367  13.778  1.00 52.90  ? 1   C   A "C5'" 1 
ATOM   3   C  "C4'" . C   A 1 1  ? 6.235   -7.567  13.222  1.00 50.45  ? 1   C   A "C4'" 1 
ATOM   4   O  "O4'" . C   A 1 1  ? 5.373   -8.736  13.298  1.00 52.72  ? 1   C   A "O4'" 1 
ATOM   5   C  "C3'" . C   A 1 1  ? 6.626   -7.483  11.755  1.00 52.69  ? 1   C   A "C3'" 1 
ATOM   6   O  "O3'" . C   A 1 1  ? 7.856   -6.816  11.552  1.00 53.91  ? 1   C   A "O3'" 1 
ATOM   7   C  "C2'" . C   A 1 1  ? 6.654   -8.945  11.335  1.00 51.36  ? 1   C   A "C2'" 1 
ATOM   8   O  "O2'" . C   A 1 1  ? 7.832   -9.573  11.818  1.00 52.71  ? 1   C   A "O2'" 1 
ATOM   9   C  "C1'" . C   A 1 1  ? 5.472   -9.491  12.119  1.00 46.88  ? 1   C   A "C1'" 1 
ATOM   10  N  N1    . C   A 1 1  ? 4.204   -9.340  11.385  1.00 42.29  ? 1   C   A N1    1 
ATOM   11  C  C2    . C   A 1 1  ? 3.880   -10.250 10.390  1.00 45.45  ? 1   C   A C2    1 
ATOM   12  O  O2    . C   A 1 1  ? 4.707   -11.140 10.164  1.00 52.92  ? 1   C   A O2    1 
ATOM   13  N  N3    . C   A 1 1  ? 2.722   -10.144 9.704   1.00 38.09  ? 1   C   A N3    1 
ATOM   14  C  C4    . C   A 1 1  ? 1.896   -9.164  10.013  1.00 39.85  ? 1   C   A C4    1 
ATOM   15  N  N4    . C   A 1 1  ? 0.756   -9.067  9.339   1.00 41.84  ? 1   C   A N4    1 
ATOM   16  C  C5    . C   A 1 1  ? 2.196   -8.226  11.033  1.00 42.77  ? 1   C   A C5    1 
ATOM   17  C  C6    . C   A 1 1  ? 3.346   -8.345  11.697  1.00 39.68  ? 1   C   A C6    1 
ATOM   18  P  P     . U   A 1 2  ? 8.205   -6.195  10.114  1.00 59.65  ? 2   U   A P     1 
ATOM   19  O  OP1   . U   A 1 2  ? 9.635   -5.823  10.141  1.00 55.46  ? 2   U   A OP1   1 
ATOM   20  O  OP2   . U   A 1 2  ? 7.191   -5.142  9.833   1.00 43.54  ? 2   U   A OP2   1 
ATOM   21  O  "O5'" . U   A 1 2  ? 7.987   -7.429  9.130   1.00 57.48  ? 2   U   A "O5'" 1 
ATOM   22  C  "C5'" . U   A 1 2  ? 9.008   -8.394  8.927   1.00 54.79  ? 2   U   A "C5'" 1 
ATOM   23  C  "C4'" . U   A 1 2  ? 8.679   -9.308  7.770   1.00 52.63  ? 2   U   A "C4'" 1 
ATOM   24  O  "O4'" . U   A 1 2  ? 7.395   -9.956  7.999   1.00 50.42  ? 2   U   A "O4'" 1 
ATOM   25  C  "C3'" . U   A 1 2  ? 8.504   -8.641  6.415   1.00 50.68  ? 2   U   A "C3'" 1 
ATOM   26  O  "O3'" . U   A 1 2  ? 9.735   -8.345  5.782   1.00 50.15  ? 2   U   A "O3'" 1 
ATOM   27  C  "C2'" . U   A 1 2  ? 7.672   -9.669  5.666   1.00 50.91  ? 2   U   A "C2'" 1 
ATOM   28  O  "O2'" . U   A 1 2  ? 8.483   -10.766 5.274   1.00 55.93  ? 2   U   A "O2'" 1 
ATOM   29  C  "C1'" . U   A 1 2  ? 6.731   -10.145 6.770   1.00 43.85  ? 2   U   A "C1'" 1 
ATOM   30  N  N1    . U   A 1 2  ? 5.482   -9.374  6.790   1.00 42.41  ? 2   U   A N1    1 
ATOM   31  C  C2    . U   A 1 2  ? 4.489   -9.743  5.901   1.00 47.56  ? 2   U   A C2    1 
ATOM   32  O  O2    . U   A 1 2  ? 4.600   -10.674 5.118   1.00 51.20  ? 2   U   A O2    1 
ATOM   33  N  N3    . U   A 1 2  ? 3.341   -8.991  5.953   1.00 45.22  ? 2   U   A N3    1 
ATOM   34  C  C4    . U   A 1 2  ? 3.098   -7.924  6.788   1.00 44.91  ? 2   U   A C4    1 
ATOM   35  O  O4    . U   A 1 2  ? 2.012   -7.355  6.712   1.00 46.86  ? 2   U   A O4    1 
ATOM   36  C  C5    . U   A 1 2  ? 4.172   -7.602  7.677   1.00 41.43  ? 2   U   A C5    1 
ATOM   37  C  C6    . U   A 1 2  ? 5.303   -8.319  7.648   1.00 44.69  ? 2   U   A C6    1 
ATOM   38  P  P     . G   A 1 3  ? 9.823   -7.197  4.651   1.00 57.97  ? 3   G   A P     1 
ATOM   39  O  OP1   . G   A 1 3  ? 11.242  -7.149  4.209   1.00 45.89  ? 3   G   A OP1   1 
ATOM   40  O  OP2   . G   A 1 3  ? 9.205   -5.972  5.216   1.00 50.01  ? 3   G   A OP2   1 
ATOM   41  O  "O5'" . G   A 1 3  ? 8.904   -7.763  3.473   1.00 53.81  ? 3   G   A "O5'" 1 
ATOM   42  C  "C5'" . G   A 1 3  ? 9.349   -8.828  2.645   1.00 47.68  ? 3   G   A "C5'" 1 
ATOM   43  C  "C4'" . G   A 1 3  ? 8.396   -9.084  1.501   1.00 48.04  ? 3   G   A "C4'" 1 
ATOM   44  O  "O4'" . G   A 1 3  ? 7.140   -9.626  1.999   1.00 50.16  ? 3   G   A "O4'" 1 
ATOM   45  C  "C3'" . G   A 1 3  ? 7.971   -7.870  0.695   1.00 47.06  ? 3   G   A "C3'" 1 
ATOM   46  O  "O3'" . G   A 1 3  ? 8.948   -7.466  -0.244  1.00 53.41  ? 3   G   A "O3'" 1 
ATOM   47  C  "C2'" . G   A 1 3  ? 6.684   -8.357  0.053   1.00 46.41  ? 3   G   A "C2'" 1 
ATOM   48  O  "O2'" . G   A 1 3  ? 6.971   -9.252  -1.011  1.00 51.01  ? 3   G   A "O2'" 1 
ATOM   49  C  "C1'" . G   A 1 3  ? 6.072   -9.161  1.198   1.00 46.52  ? 3   G   A "C1'" 1 
ATOM   50  N  N9    . G   A 1 3  ? 5.182   -8.329  2.030   1.00 42.01  ? 3   G   A N9    1 
ATOM   51  C  C8    . G   A 1 3  ? 5.504   -7.712  3.200   1.00 37.64  ? 3   G   A C8    1 
ATOM   52  N  N7    . G   A 1 3  ? 4.496   -7.052  3.694   1.00 38.46  ? 3   G   A N7    1 
ATOM   53  C  C5    . G   A 1 3  ? 3.456   -7.226  2.806   1.00 34.72  ? 3   G   A C5    1 
ATOM   54  C  C6    . G   A 1 3  ? 2.119   -6.734  2.826   1.00 40.74  ? 3   G   A C6    1 
ATOM   55  O  O6    . G   A 1 3  ? 1.542   -6.012  3.648   1.00 46.57  ? 3   G   A O6    1 
ATOM   56  N  N1    . G   A 1 3  ? 1.389   -7.160  1.744   1.00 40.62  ? 3   G   A N1    1 
ATOM   57  C  C2    . G   A 1 3  ? 1.896   -7.968  0.771   1.00 45.23  ? 3   G   A C2    1 
ATOM   58  N  N2    . G   A 1 3  ? 1.015   -8.267  -0.185  1.00 45.53  ? 3   G   A N2    1 
ATOM   59  N  N3    . G   A 1 3  ? 3.139   -8.435  0.727   1.00 41.70  ? 3   G   A N3    1 
ATOM   60  C  C4    . G   A 1 3  ? 3.866   -8.022  1.775   1.00 39.03  ? 3   G   A C4    1 
ATOM   61  P  P     . G   A 1 4  ? 8.955   -5.968  -0.826  1.00 56.75  ? 4   G   A P     1 
ATOM   62  O  OP1   . G   A 1 4  ? 10.028  -5.908  -1.840  1.00 52.45  ? 4   G   A OP1   1 
ATOM   63  O  OP2   . G   A 1 4  ? 9.011   -5.045  0.332   1.00 52.69  ? 4   G   A OP2   1 
ATOM   64  O  "O5'" . G   A 1 4  ? 7.545   -5.846  -1.533  1.00 41.35  ? 4   G   A "O5'" 1 
ATOM   65  C  "C5'" . G   A 1 4  ? 7.368   -6.283  -2.858  1.00 40.58  ? 4   G   A "C5'" 1 
ATOM   66  C  "C4'" . G   A 1 4  ? 5.914   -6.307  -3.222  1.00 46.28  ? 4   G   A "C4'" 1 
ATOM   67  O  "O4'" . G   A 1 4  ? 5.125   -6.715  -2.075  1.00 51.34  ? 4   G   A "O4'" 1 
ATOM   68  C  "C3'" . G   A 1 4  ? 5.304   -4.981  -3.601  1.00 44.42  ? 4   G   A "C3'" 1 
ATOM   69  O  "O3'" . G   A 1 4  ? 5.637   -4.585  -4.909  1.00 49.80  ? 4   G   A "O3'" 1 
ATOM   70  C  "C2'" . G   A 1 4  ? 3.821   -5.257  -3.413  1.00 44.91  ? 4   G   A "C2'" 1 
ATOM   71  O  "O2'" . G   A 1 4  ? 3.322   -6.021  -4.492  1.00 43.45  ? 4   G   A "O2'" 1 
ATOM   72  C  "C1'" . G   A 1 4  ? 3.839   -6.144  -2.169  1.00 43.79  ? 4   G   A "C1'" 1 
ATOM   73  N  N9    . G   A 1 4  ? 3.566   -5.374  -0.951  1.00 40.89  ? 4   G   A N9    1 
ATOM   74  C  C8    . G   A 1 4  ? 4.411   -5.012  0.058   1.00 47.16  ? 4   G   A C8    1 
ATOM   75  N  N7    . G   A 1 4  ? 3.815   -4.301  0.992   1.00 45.80  ? 4   G   A N7    1 
ATOM   76  C  C5    . G   A 1 4  ? 2.503   -4.198  0.554   1.00 40.98  ? 4   G   A C5    1 
ATOM   77  C  C6    . G   A 1 4  ? 1.387   -3.552  1.133   1.00 43.66  ? 4   G   A C6    1 
ATOM   78  O  O6    . G   A 1 4  ? 1.340   -2.920  2.194   1.00 47.23  ? 4   G   A O6    1 
ATOM   79  N  N1    . G   A 1 4  ? 0.241   -3.695  0.356   1.00 44.40  ? 4   G   A N1    1 
ATOM   80  C  C2    . G   A 1 4  ? 0.188   -4.380  -0.836  1.00 45.18  ? 4   G   A C2    1 
ATOM   81  N  N2    . G   A 1 4  ? -1.002  -4.415  -1.460  1.00 44.13  ? 4   G   A N2    1 
ATOM   82  N  N3    . G   A 1 4  ? 1.229   -4.978  -1.388  1.00 43.62  ? 4   G   A N3    1 
ATOM   83  C  C4    . G   A 1 4  ? 2.341   -4.850  -0.641  1.00 42.04  ? 4   G   A C4    1 
ATOM   84  P  P     . G   A 1 5  ? 5.622   -3.035  -5.323  1.00 50.51  ? 5   G   A P     1 
ATOM   85  O  OP1   . G   A 1 5  ? 6.117   -2.964  -6.716  1.00 59.82  ? 5   G   A OP1   1 
ATOM   86  O  OP2   . G   A 1 5  ? 6.348   -2.293  -4.271  1.00 50.18  ? 5   G   A OP2   1 
ATOM   87  O  "O5'" . G   A 1 5  ? 4.077   -2.660  -5.281  1.00 41.84  ? 5   G   A "O5'" 1 
ATOM   88  C  "C5'" . G   A 1 5  ? 3.152   -3.302  -6.137  1.00 44.01  ? 5   G   A "C5'" 1 
ATOM   89  C  "C4'" . G   A 1 5  ? 1.757   -2.784  -5.917  1.00 48.02  ? 5   G   A "C4'" 1 
ATOM   90  O  "O4'" . G   A 1 5  ? 1.311   -3.139  -4.590  1.00 54.88  ? 5   G   A "O4'" 1 
ATOM   91  C  "C3'" . G   A 1 5  ? 1.605   -1.279  -5.961  1.00 54.23  ? 5   G   A "C3'" 1 
ATOM   92  O  "O3'" . G   A 1 5  ? 1.517   -0.780  -7.280  1.00 61.74  ? 5   G   A "O3'" 1 
ATOM   93  C  "C2'" . G   A 1 5  ? 0.351   -1.037  -5.126  1.00 52.62  ? 5   G   A "C2'" 1 
ATOM   94  O  "O2'" . G   A 1 5  ? -0.822  -1.258  -5.893  1.00 50.12  ? 5   G   A "O2'" 1 
ATOM   95  C  "C1'" . G   A 1 5  ? 0.459   -2.140  -4.080  1.00 43.83  ? 5   G   A "C1'" 1 
ATOM   96  N  N9    . G   A 1 5  ? 1.028   -1.658  -2.822  1.00 44.37  ? 5   G   A N9    1 
ATOM   97  C  C8    . G   A 1 5  ? 2.336   -1.766  -2.428  1.00 46.31  ? 5   G   A C8    1 
ATOM   98  N  N7    . G   A 1 5  ? 2.530   -1.253  -1.234  1.00 45.73  ? 5   G   A N7    1 
ATOM   99  C  C5    . G   A 1 5  ? 1.287   -0.804  -0.834  1.00 39.65  ? 5   G   A C5    1 
ATOM   100 C  C6    . G   A 1 5  ? 0.907   -0.181  0.357   1.00 45.26  ? 5   G   A C6    1 
ATOM   101 O  O6    . G   A 1 5  ? 1.629   0.114   1.327   1.00 52.86  ? 5   G   A O6    1 
ATOM   102 N  N1    . G   A 1 5  ? -0.449  0.107   0.348   1.00 41.59  ? 5   G   A N1    1 
ATOM   103 C  C2    . G   A 1 5  ? -1.316  -0.175  -0.665  1.00 43.28  ? 5   G   A C2    1 
ATOM   104 N  N2    . G   A 1 5  ? -2.588  0.188   -0.453  1.00 47.93  ? 5   G   A N2    1 
ATOM   105 N  N3    . G   A 1 5  ? -0.975  -0.766  -1.787  1.00 41.71  ? 5   G   A N3    1 
ATOM   106 C  C4    . G   A 1 5  ? 0.340   -1.048  -1.796  1.00 44.19  ? 5   G   A C4    1 
ATOM   107 P  P     . U   A 1 6  ? 1.545   0.796   -7.549  1.00 61.43  ? 6   U   A P     1 
ATOM   108 O  OP1   . U   A 1 6  ? 2.439   1.022   -8.705  1.00 58.62  ? 6   U   A OP1   1 
ATOM   109 O  OP2   . U   A 1 6  ? 1.867   1.454   -6.263  1.00 50.73  ? 6   U   A OP2   1 
ATOM   110 O  "O5'" . U   A 1 6  ? 0.036   1.102   -7.954  1.00 51.09  ? 6   U   A "O5'" 1 
ATOM   111 C  "C5'" . U   A 1 6  ? -0.466  0.699   -9.212  1.00 49.62  ? 6   U   A "C5'" 1 
ATOM   112 C  "C4'" . U   A 1 6  ? -1.954  0.896   -9.295  1.00 54.99  ? 6   U   A "C4'" 1 
ATOM   113 O  "O4'" . U   A 1 6  ? -2.590  0.320   -8.130  1.00 61.44  ? 6   U   A "O4'" 1 
ATOM   114 C  "C3'" . U   A 1 6  ? -2.429  2.326   -9.283  1.00 62.83  ? 6   U   A "C3'" 1 
ATOM   115 O  "O3'" . U   A 1 6  ? -2.285  2.968   -10.532 1.00 65.21  ? 6   U   A "O3'" 1 
ATOM   116 C  "C2'" . U   A 1 6  ? -3.872  2.194   -8.805  1.00 60.99  ? 6   U   A "C2'" 1 
ATOM   117 O  "O2'" . U   A 1 6  ? -4.712  1.731   -9.851  1.00 66.11  ? 6   U   A "O2'" 1 
ATOM   118 C  "C1'" . U   A 1 6  ? -3.731  1.077   -7.779  1.00 54.24  ? 6   U   A "C1'" 1 
ATOM   119 N  N1    . U   A 1 6  ? -3.529  1.595   -6.429  1.00 52.43  ? 6   U   A N1    1 
ATOM   120 C  C2    . U   A 1 6  ? -4.646  1.925   -5.697  1.00 54.01  ? 6   U   A C2    1 
ATOM   121 O  O2    . U   A 1 6  ? -5.767  1.810   -6.157  1.00 55.16  ? 6   U   A O2    1 
ATOM   122 N  N3    . U   A 1 6  ? -4.385  2.394   -4.430  1.00 49.23  ? 6   U   A N3    1 
ATOM   123 C  C4    . U   A 1 6  ? -3.129  2.541   -3.859  1.00 51.44  ? 6   U   A C4    1 
ATOM   124 O  O4    . U   A 1 6  ? -3.021  2.974   -2.707  1.00 55.94  ? 6   U   A O4    1 
ATOM   125 C  C5    . U   A 1 6  ? -2.027  2.164   -4.689  1.00 50.32  ? 6   U   A C5    1 
ATOM   126 C  C6    . U   A 1 6  ? -2.258  1.704   -5.923  1.00 52.97  ? 6   U   A C6    1 
ATOM   127 P  P     . C   A 1 7  ? -1.491  4.354   -10.611 1.00 69.59  ? 7   C   A P     1 
ATOM   128 O  OP1   . C   A 1 7  ? -1.607  4.842   -12.004 1.00 69.15  ? 7   C   A OP1   1 
ATOM   129 O  OP2   . C   A 1 7  ? -0.138  4.124   -10.041 1.00 59.40  ? 7   C   A OP2   1 
ATOM   130 O  "O5'" . C   A 1 7  ? -2.339  5.277   -9.640  1.00 57.36  ? 7   C   A "O5'" 1 
ATOM   131 C  "C5'" . C   A 1 7  ? -3.731  5.444   -9.854  1.00 62.26  ? 7   C   A "C5'" 1 
ATOM   132 C  "C4'" . C   A 1 7  ? -4.424  5.932   -8.612  1.00 64.86  ? 7   C   A "C4'" 1 
ATOM   133 O  "O4'" . C   A 1 7  ? -4.157  5.025   -7.515  1.00 63.29  ? 7   C   A "O4'" 1 
ATOM   134 C  "C3'" . C   A 1 7  ? -3.977  7.285   -8.085  1.00 63.07  ? 7   C   A "C3'" 1 
ATOM   135 O  "O3'" . C   A 1 7  ? -4.562  8.368   -8.782  1.00 69.58  ? 7   C   A "O3'" 1 
ATOM   136 C  "C2'" . C   A 1 7  ? -4.384  7.211   -6.625  1.00 65.10  ? 7   C   A "C2'" 1 
ATOM   137 O  "O2'" . C   A 1 7  ? -5.782  7.413   -6.489  1.00 69.87  ? 7   C   A "O2'" 1 
ATOM   138 C  "C1'" . C   A 1 7  ? -4.077  5.746   -6.306  1.00 58.96  ? 7   C   A "C1'" 1 
ATOM   139 N  N1    . C   A 1 7  ? -2.725  5.578   -5.759  1.00 53.44  ? 7   C   A N1    1 
ATOM   140 C  C2    . C   A 1 7  ? -2.509  5.948   -4.434  1.00 55.90  ? 7   C   A C2    1 
ATOM   141 O  O2    . C   A 1 7  ? -3.470  6.394   -3.782  1.00 58.91  ? 7   C   A O2    1 
ATOM   142 N  N3    . C   A 1 7  ? -1.270  5.814   -3.905  1.00 51.15  ? 7   C   A N3    1 
ATOM   143 C  C4    . C   A 1 7  ? -0.285  5.338   -4.663  1.00 50.04  ? 7   C   A C4    1 
ATOM   144 N  N4    . C   A 1 7  ? 0.917   5.223   -4.102  1.00 51.50  ? 7   C   A N4    1 
ATOM   145 C  C5    . C   A 1 7  ? -0.481  4.954   -6.019  1.00 53.25  ? 7   C   A C5    1 
ATOM   146 C  C6    . C   A 1 7  ? -1.712  5.091   -6.531  1.00 55.23  ? 7   C   A C6    1 
ATOM   147 P  P     . G   A 1 8  ? -3.641  9.414   -9.590  1.00 76.92  ? 8   G   A P     1 
ATOM   148 O  OP1   . G   A 1 8  ? -4.552  10.227  -10.434 1.00 69.36  ? 8   G   A OP1   1 
ATOM   149 O  OP2   . G   A 1 8  ? -2.559  8.642   -10.251 1.00 62.72  ? 8   G   A OP2   1 
ATOM   150 O  "O5'" . G   A 1 8  ? -3.032  10.305  -8.430  1.00 61.35  ? 8   G   A "O5'" 1 
ATOM   151 C  "C5'" . G   A 1 8  ? -3.873  10.903  -7.467  1.00 62.89  ? 8   G   A "C5'" 1 
ATOM   152 C  "C4'" . G   A 1 8  ? -3.095  11.329  -6.254  1.00 62.76  ? 8   G   A "C4'" 1 
ATOM   153 O  "O4'" . G   A 1 8  ? -2.691  10.159  -5.487  1.00 65.19  ? 8   G   A "O4'" 1 
ATOM   154 C  "C3'" . G   A 1 8  ? -1.784  12.045  -6.522  1.00 57.56  ? 8   G   A "C3'" 1 
ATOM   155 O  "O3'" . G   A 1 8  ? -1.951  13.400  -6.906  1.00 67.57  ? 8   G   A "O3'" 1 
ATOM   156 C  "C2'" . G   A 1 8  ? -1.065  11.860  -5.197  1.00 57.19  ? 8   G   A "C2'" 1 
ATOM   157 O  "O2'" . G   A 1 8  ? -1.630  12.707  -4.200  1.00 65.35  ? 8   G   A "O2'" 1 
ATOM   158 C  "C1'" . G   A 1 8  ? -1.441  10.407  -4.874  1.00 59.03  ? 8   G   A "C1'" 1 
ATOM   159 N  N9    . G   A 1 8  ? -0.443  9.474   -5.432  1.00 58.38  ? 8   G   A N9    1 
ATOM   160 C  C8    . G   A 1 8  ? -0.458  8.842   -6.658  1.00 56.61  ? 8   G   A C8    1 
ATOM   161 N  N7    . G   A 1 8  ? 0.621   8.135   -6.880  1.00 50.95  ? 8   G   A N7    1 
ATOM   162 C  C5    . G   A 1 8  ? 1.399   8.322   -5.743  1.00 51.09  ? 8   G   A C5    1 
ATOM   163 C  C6    . G   A 1 8  ? 2.683   7.817   -5.410  1.00 51.40  ? 8   G   A C6    1 
ATOM   164 O  O6    . G   A 1 8  ? 3.414   7.061   -6.066  1.00 59.80  ? 8   G   A O6    1 
ATOM   165 N  N1    . G   A 1 8  ? 3.108   8.262   -4.165  1.00 45.98  ? 8   G   A N1    1 
ATOM   166 C  C2    . G   A 1 8  ? 2.389   9.081   -3.340  1.00 50.80  ? 8   G   A C2    1 
ATOM   167 N  N2    . G   A 1 8  ? 2.985   9.387   -2.180  1.00 54.63  ? 8   G   A N2    1 
ATOM   168 N  N3    . G   A 1 8  ? 1.192   9.567   -3.630  1.00 49.63  ? 8   G   A N3    1 
ATOM   169 C  C4    . G   A 1 8  ? 0.763   9.153   -4.843  1.00 53.66  ? 8   G   A C4    1 
ATOM   170 P  P     . C   A 1 9  ? -1.313  13.939  -8.289  1.00 72.64  ? 9   C   A P     1 
ATOM   171 O  OP1   . C   A 1 9  ? -2.135  15.089  -8.728  1.00 70.36  ? 9   C   A OP1   1 
ATOM   172 O  OP2   . C   A 1 9  ? -1.177  12.782  -9.198  1.00 60.89  ? 9   C   A OP2   1 
ATOM   173 O  "O5'" . C   A 1 9  ? 0.128   14.439  -7.841  1.00 55.56  ? 9   C   A "O5'" 1 
ATOM   174 C  "C5'" . C   A 1 9  ? 1.178   14.555  -8.786  1.00 55.38  ? 9   C   A "C5'" 1 
ATOM   175 C  "C4'" . C   A 1 9  ? 2.427   15.078  -8.139  1.00 54.00  ? 9   C   A "C4'" 1 
ATOM   176 O  "O4'" . C   A 1 9  ? 2.134   16.329  -7.471  1.00 59.68  ? 9   C   A "O4'" 1 
ATOM   177 C  "C3'" . C   A 1 9  ? 2.996   14.212  -7.036  1.00 59.86  ? 9   C   A "C3'" 1 
ATOM   178 O  "O3'" . C   A 1 9  ? 3.758   13.125  -7.520  1.00 66.46  ? 9   C   A "O3'" 1 
ATOM   179 C  "C2'" . C   A 1 9  ? 3.786   15.203  -6.191  1.00 60.00  ? 9   C   A "C2'" 1 
ATOM   180 O  "O2'" . C   A 1 9  ? 5.041   15.497  -6.793  1.00 64.20  ? 9   C   A "O2'" 1 
ATOM   181 C  "C1'" . C   A 1 9  ? 2.905   16.444  -6.293  1.00 52.84  ? 9   C   A "C1'" 1 
ATOM   182 N  N1    . C   A 1 9  ? 1.990   16.591  -5.145  1.00 44.85  ? 9   C   A N1    1 
ATOM   183 C  C2    . C   A 1 9  ? 2.547   16.898  -3.909  1.00 49.55  ? 9   C   A C2    1 
ATOM   184 O  O2    . C   A 1 9  ? 3.788   16.973  -3.868  1.00 51.99  ? 9   C   A O2    1 
ATOM   185 N  N3    . C   A 1 9  ? 1.741   17.088  -2.822  1.00 44.82  ? 9   C   A N3    1 
ATOM   186 C  C4    . C   A 1 9  ? 0.417   16.984  -2.977  1.00 44.34  ? 9   C   A C4    1 
ATOM   187 N  N4    . C   A 1 9  ? -0.365  17.153  -1.910  1.00 41.26  ? 9   C   A N4    1 
ATOM   188 C  C5    . C   A 1 9  ? -0.176  16.685  -4.236  1.00 44.80  ? 9   C   A C5    1 
ATOM   189 C  C6    . C   A 1 9  ? 0.637   16.500  -5.288  1.00 48.10  ? 9   C   A C6    1 
ATOM   190 P  P     . A   A 1 10 ? 3.565   11.676  -6.862  1.00 67.07  ? 10  A   A P     1 
ATOM   191 O  OP1   . A   A 1 10 ? 4.489   10.747  -7.566  1.00 60.10  ? 10  A   A OP1   1 
ATOM   192 O  OP2   . A   A 1 10 ? 2.105   11.378  -6.873  1.00 56.04  ? 10  A   A OP2   1 
ATOM   193 O  "O5'" . A   A 1 10 ? 4.068   11.923  -5.370  1.00 50.95  ? 10  A   A "O5'" 1 
ATOM   194 C  "C5'" . A   A 1 10 ? 5.421   12.258  -5.123  1.00 50.77  ? 10  A   A "C5'" 1 
ATOM   195 C  "C4'" . A   A 1 10 ? 5.603   12.796  -3.737  1.00 54.97  ? 10  A   A "C4'" 1 
ATOM   196 O  "O4'" . A   A 1 10 ? 4.639   13.840  -3.501  1.00 58.84  ? 10  A   A "O4'" 1 
ATOM   197 C  "C3'" . A   A 1 10 ? 5.374   11.810  -2.612  1.00 55.76  ? 10  A   A "C3'" 1 
ATOM   198 O  "O3'" . A   A 1 10 ? 6.524   11.027  -2.349  1.00 61.07  ? 10  A   A "O3'" 1 
ATOM   199 C  "C2'" . A   A 1 10 ? 4.975   12.704  -1.445  1.00 49.29  ? 10  A   A "C2'" 1 
ATOM   200 O  "O2'" . A   A 1 10 ? 6.126   13.238  -0.829  1.00 49.80  ? 10  A   A "O2'" 1 
ATOM   201 C  "C1'" . A   A 1 10 ? 4.246   13.844  -2.153  1.00 49.64  ? 10  A   A "C1'" 1 
ATOM   202 N  N9    . A   A 1 10 ? 2.782   13.716  -2.109  1.00 48.18  ? 10  A   A N9    1 
ATOM   203 C  C8    . A   A 1 10 ? 1.973   13.345  -3.155  1.00 48.83  ? 10  A   A C8    1 
ATOM   204 N  N7    . A   A 1 10 ? 0.692   13.372  -2.861  1.00 45.17  ? 10  A   A N7    1 
ATOM   205 C  C5    . A   A 1 10 ? 0.674   13.804  -1.548  1.00 41.72  ? 10  A   A C5    1 
ATOM   206 C  C6    . A   A 1 10 ? -0.382  14.030  -0.669  1.00 41.95  ? 10  A   A C6    1 
ATOM   207 N  N6    . A   A 1 10 ? -1.655  13.836  -1.006  1.00 47.33  ? 10  A   A N6    1 
ATOM   208 N  N1    . A   A 1 10 ? -0.082  14.461  0.565   1.00 42.59  ? 10  A   A N1    1 
ATOM   209 C  C2    . A   A 1 10 ? 1.208   14.651  0.881   1.00 47.10  ? 10  A   A C2    1 
ATOM   210 N  N3    . A   A 1 10 ? 2.299   14.468  0.139   1.00 45.00  ? 10  A   A N3    1 
ATOM   211 C  C4    . A   A 1 10 ? 1.950   14.042  -1.078  1.00 42.74  ? 10  A   A C4    1 
ATOM   212 P  P     . G   A 1 11 ? 6.415   9.431   -2.248  1.00 59.48  ? 11  G   A P     1 
ATOM   213 O  OP1   . G   A 1 11 ? 7.783   8.925   -1.986  1.00 53.79  ? 11  G   A OP1   1 
ATOM   214 O  OP2   . G   A 1 11 ? 5.692   8.952   -3.457  1.00 47.70  ? 11  G   A OP2   1 
ATOM   215 O  "O5'" . G   A 1 11 ? 5.503   9.231   -0.965  1.00 54.33  ? 11  G   A "O5'" 1 
ATOM   216 C  "C5'" . G   A 1 11 ? 6.020   9.452   0.337   1.00 54.89  ? 11  G   A "C5'" 1 
ATOM   217 C  "C4'" . G   A 1 11 ? 5.733   8.282   1.242   1.00 57.93  ? 11  G   A "C4'" 1 
ATOM   218 O  "O4'" . G   A 1 11 ? 4.299   8.054   1.278   1.00 57.60  ? 11  G   A "O4'" 1 
ATOM   219 C  "C3'" . G   A 1 11 ? 6.370   6.963   0.813   1.00 59.97  ? 11  G   A "C3'" 1 
ATOM   220 O  "O3'" . G   A 1 11 ? 6.842   6.251   1.956   1.00 66.72  ? 11  G   A "O3'" 1 
ATOM   221 C  "C2'" . G   A 1 11 ? 5.217   6.206   0.164   1.00 55.66  ? 11  G   A "C2'" 1 
ATOM   222 O  "O2'" . G   A 1 11 ? 5.326   4.806   0.240   1.00 57.35  ? 11  G   A "O2'" 1 
ATOM   223 C  "C1'" . G   A 1 11 ? 4.016   6.714   0.948   1.00 52.13  ? 11  G   A "C1'" 1 
ATOM   224 N  N9    . G   A 1 11 ? 2.772   6.685   0.186   1.00 45.18  ? 11  G   A N9    1 
ATOM   225 C  C8    . G   A 1 11 ? 2.654   6.247   -1.107  1.00 48.84  ? 11  G   A C8    1 
ATOM   226 N  N7    . G   A 1 11 ? 1.430   6.299   -1.559  1.00 46.14  ? 11  G   A N7    1 
ATOM   227 C  C5    . G   A 1 11 ? 0.709   6.796   -0.492  1.00 41.57  ? 11  G   A C5    1 
ATOM   228 C  C6    . G   A 1 11 ? -0.661  7.066   -0.421  1.00 44.00  ? 11  G   A C6    1 
ATOM   229 O  O6    . G   A 1 11 ? -1.498  6.900   -1.318  1.00 48.15  ? 11  G   A O6    1 
ATOM   230 N  N1    . G   A 1 11 ? -1.015  7.575   0.818   1.00 41.90  ? 11  G   A N1    1 
ATOM   231 C  C2    . G   A 1 11 ? -0.146  7.788   1.859   1.00 45.72  ? 11  G   A C2    1 
ATOM   232 N  N2    . G   A 1 11 ? -0.692  8.270   2.988   1.00 38.08  ? 11  G   A N2    1 
ATOM   233 N  N3    . G   A 1 11 ? 1.157   7.536   1.802   1.00 47.68  ? 11  G   A N3    1 
ATOM   234 C  C4    . G   A 1 11 ? 1.509   7.040   0.595   1.00 44.77  ? 11  G   A C4    1 
ATOM   235 P  P     . U   A 1 12 ? 8.402   6.317   2.338   1.00 72.58  ? 12  U   A P     1 
ATOM   236 O  OP1   . U   A 1 12 ? 9.169   6.007   1.108   1.00 74.56  ? 12  U   A OP1   1 
ATOM   237 O  OP2   . U   A 1 12 ? 8.612   5.471   3.540   1.00 69.52  ? 12  U   A OP2   1 
ATOM   238 O  "O5'" . U   A 1 12 ? 8.570   7.841   2.715   1.00 74.06  ? 12  U   A "O5'" 1 
ATOM   239 C  "C5'" . U   A 1 12 ? 7.582   8.470   3.509   1.00 82.16  ? 12  U   A "C5'" 1 
ATOM   240 C  "C4'" . U   A 1 12 ? 6.959   7.469   4.440   1.00 83.85  ? 12  U   A "C4'" 1 
ATOM   241 O  "O4'" . U   A 1 12 ? 8.023   6.857   5.192   1.00 91.14  ? 12  U   A "O4'" 1 
ATOM   242 C  "C3'" . U   A 1 12 ? 5.984   8.037   5.459   1.00 83.30  ? 12  U   A "C3'" 1 
ATOM   243 O  "O3'" . U   A 1 12 ? 5.025   7.042   5.824   1.00 80.26  ? 12  U   A "O3'" 1 
ATOM   244 C  "C2'" . U   A 1 12 ? 6.868   8.349   6.655   1.00 79.99  ? 12  U   A "C2'" 1 
ATOM   245 O  "O2'" . U   A 1 12 ? 6.214   8.176   7.889   1.00 87.07  ? 12  U   A "O2'" 1 
ATOM   246 C  "C1'" . U   A 1 12 ? 8.060   7.378   6.503   1.00 87.42  ? 12  U   A "C1'" 1 
ATOM   247 N  N1    . U   A 1 12 ? 9.398   8.034   6.686   1.00 84.75  ? 12  U   A N1    1 
ATOM   248 C  C2    . U   A 1 12 ? 10.454  7.318   7.245   1.00 91.06  ? 12  U   A C2    1 
ATOM   249 O  O2    . U   A 1 12 ? 10.347  6.150   7.605   1.00 99.78  ? 12  U   A O2    1 
ATOM   250 N  N3    . U   A 1 12 ? 11.648  8.008   7.374   1.00 77.60  ? 12  U   A N3    1 
ATOM   251 C  C4    . U   A 1 12 ? 11.897  9.321   7.016   1.00 82.08  ? 12  U   A C4    1 
ATOM   252 O  O4    . U   A 1 12 ? 13.017  9.815   7.208   1.00 77.17  ? 12  U   A O4    1 
ATOM   253 C  C5    . U   A 1 12 ? 10.767  9.992   6.440   1.00 83.48  ? 12  U   A C5    1 
ATOM   254 C  C6    . U   A 1 12 ? 9.603   9.339   6.291   1.00 83.86  ? 12  U   A C6    1 
ATOM   255 P  P     . A   A 1 14 ? 6.130   1.993   7.372   1.00 104.74 ? 14  A   A P     1 
ATOM   256 O  OP1   . A   A 1 14 ? 6.793   1.881   8.698   1.00 99.91  ? 14  A   A OP1   1 
ATOM   257 O  OP2   . A   A 1 14 ? 6.683   1.250   6.198   1.00 94.01  ? 14  A   A OP2   1 
ATOM   258 O  "O5'" . A   A 1 14 ? 5.879   3.514   6.999   1.00 79.74  ? 14  A   A "O5'" 1 
ATOM   259 C  "C5'" . A   A 1 14 ? 5.449   3.863   5.699   1.00 81.52  ? 14  A   A "C5'" 1 
ATOM   260 C  "C4'" . A   A 1 14 ? 3.978   4.141   5.682   1.00 75.70  ? 14  A   A "C4'" 1 
ATOM   261 O  "O4'" . A   A 1 14 ? 3.590   4.690   4.405   1.00 66.40  ? 14  A   A "O4'" 1 
ATOM   262 C  "C3'" . A   A 1 14 ? 3.052   2.948   5.849   1.00 75.07  ? 14  A   A "C3'" 1 
ATOM   263 O  "O3'" . A   A 1 14 ? 2.992   2.475   7.203   1.00 91.49  ? 14  A   A "O3'" 1 
ATOM   264 C  "C2'" . A   A 1 14 ? 1.727   3.510   5.315   1.00 70.83  ? 14  A   A "C2'" 1 
ATOM   265 O  "O2'" . A   A 1 14 ? 1.055   4.257   6.323   1.00 79.57  ? 14  A   A "O2'" 1 
ATOM   266 C  "C1'" . A   A 1 14 ? 2.209   4.501   4.240   1.00 57.91  ? 14  A   A "C1'" 1 
ATOM   267 N  N9    . A   A 1 14 ? 1.930   4.059   2.863   1.00 52.62  ? 14  A   A N9    1 
ATOM   268 C  C8    . A   A 1 14 ? 2.752   3.587   1.871   1.00 53.50  ? 14  A   A C8    1 
ATOM   269 N  N7    . A   A 1 14 ? 2.121   3.333   0.734   1.00 43.23  ? 14  A   A N7    1 
ATOM   270 C  C5    . A   A 1 14 ? 0.812   3.692   0.998   1.00 42.31  ? 14  A   A C5    1 
ATOM   271 C  C6    . A   A 1 14 ? -0.353  3.678   0.227   1.00 44.76  ? 14  A   A C6    1 
ATOM   272 N  N6    . A   A 1 14 ? -0.418  3.273   -1.039  1.00 46.61  ? 14  A   A N6    1 
ATOM   273 N  N1    . A   A 1 14 ? -1.490  4.104   0.805   1.00 45.54  ? 14  A   A N1    1 
ATOM   274 C  C2    . A   A 1 14 ? -1.450  4.511   2.074   1.00 44.64  ? 14  A   A C2    1 
ATOM   275 N  N3    . A   A 1 14 ? -0.420  4.570   2.905   1.00 44.19  ? 14  A   A N3    1 
ATOM   276 C  C4    . A   A 1 14 ? 0.691   4.150   2.292   1.00 46.63  ? 14  A   A C4    1 
ATOM   277 P  P     . C   A 1 15 ? 2.088   1.182   7.622   1.00 103.31 ? 15  C   A P     1 
ATOM   278 O  OP1   . C   A 1 15 ? 2.917   0.326   8.521   1.00 83.93  ? 15  C   A OP1   1 
ATOM   279 O  OP2   . C   A 1 15 ? 1.550   0.588   6.369   1.00 80.53  ? 15  C   A OP2   1 
ATOM   280 O  "O5'" . C   A 1 15 ? 0.903   1.843   8.460   1.00 90.87  ? 15  C   A "O5'" 1 
ATOM   281 C  "C5'" . C   A 1 15 ? -0.440  1.815   7.983   1.00 83.31  ? 15  C   A "C5'" 1 
ATOM   282 C  "C4'" . C   A 1 15 ? -1.405  2.176   9.072   1.00 84.13  ? 15  C   A "C4'" 1 
ATOM   283 O  "O4'" . C   A 1 15 ? -0.644  2.599   10.227  1.00 87.45  ? 15  C   A "O4'" 1 
ATOM   284 C  "C3'" . C   A 1 15 ? -2.356  3.319   8.745   1.00 81.27  ? 15  C   A "C3'" 1 
ATOM   285 O  "O3'" . C   A 1 15 ? -3.579  3.155   9.481   1.00 86.04  ? 15  C   A "O3'" 1 
ATOM   286 C  "C2'" . C   A 1 15 ? -1.600  4.534   9.273   1.00 90.25  ? 15  C   A "C2'" 1 
ATOM   287 O  "O2'" . C   A 1 15 ? -2.428  5.632   9.608   1.00 94.76  ? 15  C   A "O2'" 1 
ATOM   288 C  "C1'" . C   A 1 15 ? -0.904  3.956   10.508  1.00 91.97  ? 15  C   A "C1'" 1 
ATOM   289 N  N1    . C   A 1 15 ? 0.394   4.599   10.858  1.00 104.29 ? 15  C   A N1    1 
ATOM   290 C  C2    . C   A 1 15 ? 0.607   5.998   10.854  1.00 99.88  ? 15  C   A C2    1 
ATOM   291 O  O2    . C   A 1 15 ? -0.301  6.781   10.512  1.00 88.75  ? 15  C   A O2    1 
ATOM   292 N  N3    . C   A 1 15 ? 1.833   6.464   11.227  1.00 99.45  ? 15  C   A N3    1 
ATOM   293 C  C4    . C   A 1 15 ? 2.811   5.622   11.599  1.00 101.63 ? 15  C   A C4    1 
ATOM   294 N  N4    . C   A 1 15 ? 3.988   6.139   11.954  1.00 96.57  ? 15  C   A N4    1 
ATOM   295 C  C5    . C   A 1 15 ? 2.622   4.207   11.620  1.00 102.85 ? 15  C   A C5    1 
ATOM   296 C  C6    . C   A 1 15 ? 1.412   3.753   11.250  1.00 100.92 ? 15  C   A C6    1 
ATOM   297 P  P     . C   A 1 16 ? -4.437  1.788   9.364   1.00 87.21  ? 16  C   A P     1 
ATOM   298 O  OP1   . C   A 1 16 ? -5.620  1.935   10.244  1.00 80.22  ? 16  C   A OP1   1 
ATOM   299 O  OP2   . C   A 1 16 ? -3.507  0.659   9.609   1.00 77.76  ? 16  C   A OP2   1 
ATOM   300 O  "O5'" . C   A 1 16 ? -4.904  1.784   7.842   1.00 70.25  ? 16  C   A "O5'" 1 
ATOM   301 C  "C5'" . C   A 1 16 ? -6.150  2.346   7.466   1.00 63.68  ? 16  C   A "C5'" 1 
ATOM   302 C  "C4'" . C   A 1 16 ? -6.299  2.401   5.968   1.00 58.73  ? 16  C   A "C4'" 1 
ATOM   303 O  "O4'" . C   A 1 16 ? -5.150  3.047   5.391   1.00 56.20  ? 16  C   A "O4'" 1 
ATOM   304 C  "C3'" . C   A 1 16 ? -6.351  1.068   5.255   1.00 57.09  ? 16  C   A "C3'" 1 
ATOM   305 O  "O3'" . C   A 1 16 ? -7.622  0.471   5.314   1.00 59.87  ? 16  C   A "O3'" 1 
ATOM   306 C  "C2'" . C   A 1 16 ? -5.920  1.423   3.843   1.00 57.00  ? 16  C   A "C2'" 1 
ATOM   307 O  "O2'" . C   A 1 16 ? -7.008  1.970   3.109   1.00 62.34  ? 16  C   A "O2'" 1 
ATOM   308 C  "C1'" . C   A 1 16 ? -4.908  2.533   4.104   1.00 52.34  ? 16  C   A "C1'" 1 
ATOM   309 N  N1    . C   A 1 16 ? -3.515  2.059   4.042   1.00 46.85  ? 16  C   A N1    1 
ATOM   310 C  C2    . C   A 1 16 ? -3.011  1.770   2.784   1.00 51.12  ? 16  C   A C2    1 
ATOM   311 O  O2    . C   A 1 16 ? -3.790  1.893   1.817   1.00 53.59  ? 16  C   A O2    1 
ATOM   312 N  N3    . C   A 1 16 ? -1.725  1.351   2.666   1.00 48.07  ? 16  C   A N3    1 
ATOM   313 C  C4    . C   A 1 16 ? -0.957  1.245   3.751   1.00 48.00  ? 16  C   A C4    1 
ATOM   314 N  N4    . C   A 1 16 ? 0.308   0.838   3.599   1.00 49.90  ? 16  C   A N4    1 
ATOM   315 C  C5    . C   A 1 16 ? -1.457  1.550   5.040   1.00 49.51  ? 16  C   A C5    1 
ATOM   316 C  C6    . C   A 1 16 ? -2.727  1.955   5.144   1.00 51.63  ? 16  C   A C6    1 
ATOM   317 P  P     . C   A 1 17 ? -7.736  -1.108  5.488   1.00 65.51  ? 17  C   A P     1 
ATOM   318 O  OP1   . C   A 1 17 ? -9.150  -1.405  5.817   1.00 62.57  ? 17  C   A OP1   1 
ATOM   319 O  OP2   . C   A 1 17 ? -6.674  -1.515  6.441   1.00 51.77  ? 17  C   A OP2   1 
ATOM   320 O  "O5'" . C   A 1 17 ? -7.395  -1.645  4.028   1.00 59.68  ? 17  C   A "O5'" 1 
ATOM   321 C  "C5'" . C   A 1 17 ? -8.186  -1.258  2.915   1.00 54.29  ? 17  C   A "C5'" 1 
ATOM   322 C  "C4'" . C   A 1 17 ? -7.710  -1.914  1.641   1.00 57.12  ? 17  C   A "C4'" 1 
ATOM   323 O  "O4'" . C   A 1 17 ? -6.476  -1.296  1.197   1.00 58.29  ? 17  C   A "O4'" 1 
ATOM   324 C  "C3'" . C   A 1 17 ? -7.366  -3.388  1.739   1.00 53.96  ? 17  C   A "C3'" 1 
ATOM   325 O  "O3'" . C   A 1 17 ? -8.510  -4.214  1.653   1.00 52.30  ? 17  C   A "O3'" 1 
ATOM   326 C  "C2'" . C   A 1 17 ? -6.395  -3.577  0.586   1.00 52.60  ? 17  C   A "C2'" 1 
ATOM   327 O  "O2'" . C   A 1 17 ? -7.102  -3.640  -0.640  1.00 57.85  ? 17  C   A "O2'" 1 
ATOM   328 C  "C1'" . C   A 1 17 ? -5.633  -2.259  0.616   1.00 49.18  ? 17  C   A "C1'" 1 
ATOM   329 N  N1    . C   A 1 17 ? -4.398  -2.330  1.416   1.00 43.76  ? 17  C   A N1    1 
ATOM   330 C  C2    . C   A 1 17 ? -3.206  -2.773  0.841   1.00 47.27  ? 17  C   A C2    1 
ATOM   331 O  O2    . C   A 1 17 ? -3.217  -3.158  -0.335  1.00 50.53  ? 17  C   A O2    1 
ATOM   332 N  N3    . C   A 1 17 ? -2.072  -2.800  1.569   1.00 41.41  ? 17  C   A N3    1 
ATOM   333 C  C4    . C   A 1 17 ? -2.111  -2.384  2.829   1.00 43.31  ? 17  C   A C4    1 
ATOM   334 N  N4    . C   A 1 17 ? -0.986  -2.422  3.546   1.00 44.81  ? 17  C   A N4    1 
ATOM   335 C  C5    . C   A 1 17 ? -3.307  -1.919  3.429   1.00 44.42  ? 17  C   A C5    1 
ATOM   336 C  C6    . C   A 1 17 ? -4.417  -1.896  2.694   1.00 44.05  ? 17  C   A C6    1 
ATOM   337 P  P     . C   A 1 18 ? -8.468  -5.723  2.201   1.00 56.48  ? 18  C   A P     1 
ATOM   338 O  OP1   . C   A 1 18 ? -9.817  -6.286  1.968   1.00 54.44  ? 18  C   A OP1   1 
ATOM   339 O  OP2   . C   A 1 18 ? -7.937  -5.691  3.581   1.00 48.52  ? 18  C   A OP2   1 
ATOM   340 O  "O5'" . C   A 1 18 ? -7.412  -6.420  1.241   1.00 49.63  ? 18  C   A "O5'" 1 
ATOM   341 C  "C5'" . C   A 1 18 ? -7.778  -6.801  -0.072  1.00 49.73  ? 18  C   A "C5'" 1 
ATOM   342 C  "C4'" . C   A 1 18 ? -6.628  -7.445  -0.792  1.00 52.30  ? 18  C   A "C4'" 1 
ATOM   343 O  "O4'" . C   A 1 18 ? -5.513  -6.520  -0.853  1.00 54.33  ? 18  C   A "O4'" 1 
ATOM   344 C  "C3'" . C   A 1 18 ? -6.034  -8.671  -0.130  1.00 52.67  ? 18  C   A "C3'" 1 
ATOM   345 O  "O3'" . C   A 1 18 ? -6.792  -9.845  -0.345  1.00 53.35  ? 18  C   A "O3'" 1 
ATOM   346 C  "C2'" . C   A 1 18 ? -4.656  -8.721  -0.760  1.00 56.32  ? 18  C   A "C2'" 1 
ATOM   347 O  "O2'" . C   A 1 18 ? -4.746  -9.198  -2.096  1.00 58.28  ? 18  C   A "O2'" 1 
ATOM   348 C  "C1'" . C   A 1 18 ? -4.302  -7.236  -0.803  1.00 47.72  ? 18  C   A "C1'" 1 
ATOM   349 N  N1    . C   A 1 18 ? -3.543  -6.808  0.395   1.00 43.67  ? 18  C   A N1    1 
ATOM   350 C  C2    . C   A 1 18 ? -2.154  -6.965  0.371   1.00 46.09  ? 18  C   A C2    1 
ATOM   351 O  O2    . C   A 1 18 ? -1.636  -7.458  -0.637  1.00 47.75  ? 18  C   A O2    1 
ATOM   352 N  N3    . C   A 1 18 ? -1.397  -6.600  1.430   1.00 45.38  ? 18  C   A N3    1 
ATOM   353 C  C4    . C   A 1 18 ? -1.991  -6.078  2.499   1.00 43.32  ? 18  C   A C4    1 
ATOM   354 N  N4    . C   A 1 18 ? -1.205  -5.735  3.521   1.00 43.60  ? 18  C   A N4    1 
ATOM   355 C  C5    . C   A 1 18 ? -3.404  -5.895  2.555   1.00 41.39  ? 18  C   A C5    1 
ATOM   356 C  C6    . C   A 1 18 ? -4.139  -6.264  1.494   1.00 44.83  ? 18  C   A C6    1 
ATOM   357 P  P     . A   A 1 19 ? -6.745  -11.035 0.729   1.00 59.46  ? 19  A   A P     1 
ATOM   358 O  OP1   . A   A 1 19 ? -7.708  -12.055 0.274   1.00 67.52  ? 19  A   A OP1   1 
ATOM   359 O  OP2   . A   A 1 19 ? -6.929  -10.429 2.067   1.00 52.21  ? 19  A   A OP2   1 
ATOM   360 O  "O5'" . A   A 1 19 ? -5.256  -11.589 0.603   1.00 53.46  ? 19  A   A "O5'" 1 
ATOM   361 C  "C5'" . A   A 1 19 ? -4.826  -12.301 -0.545  1.00 51.22  ? 19  A   A "C5'" 1 
ATOM   362 C  "C4'" . A   A 1 19 ? -3.318  -12.427 -0.589  1.00 52.04  ? 19  A   A "C4'" 1 
ATOM   363 O  "O4'" . A   A 1 19 ? -2.709  -11.128 -0.360  1.00 45.97  ? 19  A   A "O4'" 1 
ATOM   364 C  "C3'" . A   A 1 19 ? -2.679  -13.332 0.462   1.00 47.20  ? 19  A   A "C3'" 1 
ATOM   365 O  "O3'" . A   A 1 19 ? -2.712  -14.704 0.108   1.00 42.81  ? 19  A   A "O3'" 1 
ATOM   366 C  "C2'" . A   A 1 19 ? -1.260  -12.777 0.570   1.00 47.58  ? 19  A   A "C2'" 1 
ATOM   367 O  "O2'" . A   A 1 19 ? -0.441  -13.298 -0.467  1.00 48.26  ? 19  A   A "O2'" 1 
ATOM   368 C  "C1'" . A   A 1 19 ? -1.476  -11.284 0.311   1.00 44.98  ? 19  A   A "C1'" 1 
ATOM   369 N  N9    . A   A 1 19 ? -1.501  -10.485 1.560   1.00 46.01  ? 19  A   A N9    1 
ATOM   370 C  C8    . A   A 1 19 ? -2.544  -9.766  2.093   1.00 42.51  ? 19  A   A C8    1 
ATOM   371 N  N7    . A   A 1 19 ? -2.216  -9.140  3.201   1.00 41.99  ? 19  A   A N7    1 
ATOM   372 C  C5    . A   A 1 19 ? -0.881  -9.453  3.411   1.00 37.37  ? 19  A   A C5    1 
ATOM   373 C  C6    . A   A 1 19 ? 0.049   -9.103  4.413   1.00 43.01  ? 19  A   A C6    1 
ATOM   374 N  N6    . A   A 1 19 ? -0.225  -8.322  5.452   1.00 43.79  ? 19  A   A N6    1 
ATOM   375 N  N1    . A   A 1 19 ? 1.305   -9.586  4.333   1.00 43.70  ? 19  A   A N1    1 
ATOM   376 C  C2    . A   A 1 19 ? 1.597   -10.367 3.292   1.00 43.21  ? 19  A   A C2    1 
ATOM   377 N  N3    . A   A 1 19 ? 0.810   -10.757 2.294   1.00 42.14  ? 19  A   A N3    1 
ATOM   378 C  C4    . A   A 1 19 ? -0.430  -10.268 2.408   1.00 40.08  ? 19  A   A C4    1 
ATOM   379 P  P     . G   A 1 20 ? -2.414  -15.841 1.215   1.00 54.64  ? 20  G   A P     1 
ATOM   380 O  OP1   . G   A 1 20 ? -2.617  -17.157 0.558   1.00 49.98  ? 20  G   A OP1   1 
ATOM   381 O  OP2   . G   A 1 20 ? -3.225  -15.505 2.419   1.00 43.69  ? 20  G   A OP2   1 
ATOM   382 O  "O5'" . G   A 1 20 ? -0.880  -15.645 1.541   1.00 41.22  ? 20  G   A "O5'" 1 
ATOM   383 C  "C5'" . G   A 1 20 ? 0.114   -16.076 0.640   1.00 40.03  ? 20  G   A "C5'" 1 
ATOM   384 C  "C4'" . G   A 1 20 ? 1.477   -15.993 1.264   1.00 45.83  ? 20  G   A "C4'" 1 
ATOM   385 O  "O4'" . G   A 1 20 ? 1.565   -14.754 2.029   1.00 48.34  ? 20  G   A "O4'" 1 
ATOM   386 C  "C3'" . G   A 1 20 ? 1.805   -17.107 2.246   1.00 41.19  ? 20  G   A "C3'" 1 
ATOM   387 O  "O3'" . G   A 1 20 ? 3.215   -17.280 2.277   1.00 47.12  ? 20  G   A "O3'" 1 
ATOM   388 C  "C2'" . G   A 1 20 ? 1.361   -16.505 3.574   1.00 45.51  ? 20  G   A "C2'" 1 
ATOM   389 O  "O2'" . G   A 1 20 ? 1.962   -17.100 4.706   1.00 43.25  ? 20  G   A "O2'" 1 
ATOM   390 C  "C1'" . G   A 1 20 ? 1.808   -15.056 3.392   1.00 44.30  ? 20  G   A "C1'" 1 
ATOM   391 N  N9    . G   A 1 20 ? 1.097   -14.068 4.220   1.00 42.58  ? 20  G   A N9    1 
ATOM   392 C  C8    . G   A 1 20 ? -0.171  -13.555 4.045   1.00 46.19  ? 20  G   A C8    1 
ATOM   393 N  N7    . G   A 1 20 ? -0.517  -12.644 4.932   1.00 40.37  ? 20  G   A N7    1 
ATOM   394 C  C5    . G   A 1 20 ? 0.612   -12.527 5.716   1.00 38.48  ? 20  G   A C5    1 
ATOM   395 C  C6    . G   A 1 20 ? 0.834   -11.694 6.826   1.00 44.54  ? 20  G   A C6    1 
ATOM   396 O  O6    . G   A 1 20 ? 0.046   -10.876 7.334   1.00 46.48  ? 20  G   A O6    1 
ATOM   397 N  N1    . G   A 1 20 ? 2.109   -11.879 7.349   1.00 44.23  ? 20  G   A N1    1 
ATOM   398 C  C2    . G   A 1 20 ? 3.048   -12.751 6.863   1.00 45.44  ? 20  G   A C2    1 
ATOM   399 N  N2    . G   A 1 20 ? 4.220   -12.780 7.516   1.00 43.34  ? 20  G   A N2    1 
ATOM   400 N  N3    . G   A 1 20 ? 2.847   -13.532 5.816   1.00 43.66  ? 20  G   A N3    1 
ATOM   401 C  C4    . G   A 1 20 ? 1.613   -13.374 5.297   1.00 40.62  ? 20  G   A C4    1 
ATOM   402 P  P     . U   A 1 21 ? 3.887   -18.665 1.834   1.00 48.62  ? 21  U   A P     1 
ATOM   403 O  OP1   . U   A 1 21 ? 3.145   -19.145 0.655   1.00 52.57  ? 21  U   A OP1   1 
ATOM   404 O  OP2   . U   A 1 21 ? 3.961   -19.529 3.039   1.00 47.19  ? 21  U   A OP2   1 
ATOM   405 O  "O5'" . U   A 1 21 ? 5.352   -18.225 1.408   1.00 44.94  ? 21  U   A "O5'" 1 
ATOM   406 C  "C5'" . U   A 1 21 ? 5.559   -17.358 0.302   1.00 45.45  ? 21  U   A "C5'" 1 
ATOM   407 C  "C4'" . U   A 1 21 ? 6.960   -16.822 0.290   1.00 41.91  ? 21  U   A "C4'" 1 
ATOM   408 O  "O4'" . U   A 1 21 ? 7.069   -15.786 1.292   1.00 49.95  ? 21  U   A "O4'" 1 
ATOM   409 C  "C3'" . U   A 1 21 ? 8.032   -17.846 0.620   1.00 46.08  ? 21  U   A "C3'" 1 
ATOM   410 O  "O3'" . U   A 1 21 ? 9.211   -17.561 -0.116  1.00 51.54  ? 21  U   A "O3'" 1 
ATOM   411 C  "C2'" . U   A 1 21 ? 8.290   -17.621 2.098   1.00 45.44  ? 21  U   A "C2'" 1 
ATOM   412 O  "O2'" . U   A 1 21 ? 9.583   -17.983 2.517   1.00 52.43  ? 21  U   A "O2'" 1 
ATOM   413 C  "C1'" . U   A 1 21 ? 8.071   -16.124 2.231   1.00 50.38  ? 21  U   A "C1'" 1 
ATOM   414 N  N1    . U   A 1 21 ? 7.601   -15.711 3.566   1.00 50.45  ? 21  U   A N1    1 
ATOM   415 C  C2    . U   A 1 21 ? 8.502   -15.132 4.421   1.00 52.52  ? 21  U   A C2    1 
ATOM   416 O  O2    . U   A 1 21 ? 9.666   -14.962 4.113   1.00 58.99  ? 21  U   A O2    1 
ATOM   417 N  N3    . U   A 1 21 ? 7.994   -14.760 5.639   1.00 50.63  ? 21  U   A N3    1 
ATOM   418 C  C4    . U   A 1 21 ? 6.693   -14.917 6.067   1.00 53.29  ? 21  U   A C4    1 
ATOM   419 O  O4    . U   A 1 21 ? 6.356   -14.545 7.193   1.00 55.00  ? 21  U   A O4    1 
ATOM   420 C  C5    . U   A 1 21 ? 5.825   -15.528 5.115   1.00 52.52  ? 21  U   A C5    1 
ATOM   421 C  C6    . U   A 1 21 ? 6.296   -15.894 3.925   1.00 50.97  ? 21  U   A C6    1 
ATOM   422 P  P     . U   A 1 22 ? 9.800   -18.661 -1.130  1.00 58.66  ? 22  U   A P     1 
ATOM   423 O  OP1   . U   A 1 22 ? 9.580   -19.989 -0.514  1.00 48.84  ? 22  U   A OP1   1 
ATOM   424 O  OP2   . U   A 1 22 ? 11.188  -18.248 -1.456  1.00 51.82  ? 22  U   A OP2   1 
ATOM   425 O  "O5'" . U   A 1 22 ? 8.859   -18.489 -2.404  1.00 46.11  ? 22  U   A "O5'" 1 
ATOM   426 C  "C5'" . U   A 1 22 ? 8.792   -17.245 -3.086  1.00 45.41  ? 22  U   A "C5'" 1 
ATOM   427 C  "C4'" . U   A 1 22 ? 7.719   -17.237 -4.142  1.00 43.97  ? 22  U   A "C4'" 1 
ATOM   428 O  "O4'" . U   A 1 22 ? 7.740   -18.496 -4.859  1.00 53.51  ? 22  U   A "O4'" 1 
ATOM   429 C  "C3'" . U   A 1 22 ? 6.307   -17.062 -3.633  1.00 42.55  ? 22  U   A "C3'" 1 
ATOM   430 O  "O3'" . U   A 1 22 ? 5.576   -16.301 -4.577  1.00 43.43  ? 22  U   A "O3'" 1 
ATOM   431 C  "C2'" . U   A 1 22 ? 5.766   -18.491 -3.591  1.00 46.52  ? 22  U   A "C2'" 1 
ATOM   432 O  "O2'" . U   A 1 22 ? 4.366   -18.581 -3.731  1.00 52.07  ? 22  U   A "O2'" 1 
ATOM   433 C  "C1'" . U   A 1 22 ? 6.483   -19.138 -4.767  1.00 47.36  ? 22  U   A "C1'" 1 
ATOM   434 N  N1    . U   A 1 22 ? 6.745   -20.580 -4.600  1.00 48.13  ? 22  U   A N1    1 
ATOM   435 C  C2    . U   A 1 22 ? 6.131   -21.542 -5.387  1.00 48.73  ? 22  U   A C2    1 
ATOM   436 O  O2    . U   A 1 22 ? 5.282   -21.288 -6.226  1.00 46.32  ? 22  U   A O2    1 
ATOM   437 N  N3    . U   A 1 22 ? 6.552   -22.831 -5.140  1.00 48.23  ? 22  U   A N3    1 
ATOM   438 C  C4    . U   A 1 22 ? 7.500   -23.241 -4.220  1.00 48.34  ? 22  U   A C4    1 
ATOM   439 O  O4    . U   A 1 22 ? 7.790   -24.431 -4.084  1.00 52.50  ? 22  U   A O4    1 
ATOM   440 C  C5    . U   A 1 22 ? 8.088   -22.187 -3.473  1.00 45.84  ? 22  U   A C5    1 
ATOM   441 C  C6    . U   A 1 22 ? 7.710   -20.931 -3.693  1.00 48.08  ? 22  U   A C6    1 
ATOM   442 P  P     . A   A 1 23 ? 5.676   -14.705 -4.545  1.00 49.95  ? 23  A   A P     1 
ATOM   443 O  OP1   . A   A 1 23 ? 4.999   -14.191 -5.757  1.00 40.71  ? 23  A   A OP1   1 
ATOM   444 O  OP2   . A   A 1 23 ? 7.108   -14.357 -4.313  1.00 44.09  ? 23  A   A OP2   1 
ATOM   445 O  "O5'" . A   A 1 23 ? 4.822   -14.342 -3.270  1.00 45.69  ? 23  A   A "O5'" 1 
ATOM   446 C  "C5'" . A   A 1 23 ? 3.413   -14.441 -3.294  1.00 47.14  ? 23  A   A "C5'" 1 
ATOM   447 C  "C4'" . A   A 1 23 ? 2.823   -13.807 -2.073  1.00 50.90  ? 23  A   A "C4'" 1 
ATOM   448 O  "O4'" . A   A 1 23 ? 3.583   -14.209 -0.912  1.00 53.80  ? 23  A   A "O4'" 1 
ATOM   449 C  "C3'" . A   A 1 23 ? 2.835   -12.292 -2.061  1.00 40.96  ? 23  A   A "C3'" 1 
ATOM   450 O  "O3'" . A   A 1 23 ? 1.647   -11.784 -2.617  1.00 43.75  ? 23  A   A "O3'" 1 
ATOM   451 C  "C2'" . A   A 1 23 ? 2.980   -11.939 -0.589  1.00 43.83  ? 23  A   A "C2'" 1 
ATOM   452 O  "O2'" . A   A 1 23 ? 1.697   -11.855 0.012   1.00 49.05  ? 23  A   A "O2'" 1 
ATOM   453 C  "C1'" . A   A 1 23 ? 3.702   -13.153 -0.007  1.00 42.01  ? 23  A   A "C1'" 1 
ATOM   454 N  N9    . A   A 1 23 ? 5.135   -12.929 0.246   1.00 46.59  ? 23  A   A N9    1 
ATOM   455 C  C8    . A   A 1 23 ? 6.173   -12.887 -0.648  1.00 51.15  ? 23  A   A C8    1 
ATOM   456 N  N7    . A   A 1 23 ? 7.364   -12.734 -0.097  1.00 49.52  ? 23  A   A N7    1 
ATOM   457 C  C5    . A   A 1 23 ? 7.096   -12.705 1.256   1.00 48.47  ? 23  A   A C5    1 
ATOM   458 C  C6    . A   A 1 23 ? 7.921   -12.568 2.387   1.00 52.33  ? 23  A   A C6    1 
ATOM   459 N  N6    . A   A 1 23 ? 9.247   -12.430 2.335   1.00 54.19  ? 23  A   A N6    1 
ATOM   460 N  N1    . A   A 1 23 ? 7.340   -12.581 3.605   1.00 51.55  ? 23  A   A N1    1 
ATOM   461 C  C2    . A   A 1 23 ? 6.014   -12.722 3.669   1.00 50.97  ? 23  A   A C2    1 
ATOM   462 N  N3    . A   A 1 23 ? 5.136   -12.866 2.677   1.00 54.13  ? 23  A   A N3    1 
ATOM   463 C  C4    . A   A 1 23 ? 5.739   -12.849 1.479   1.00 50.65  ? 23  A   A C4    1 
ATOM   464 P  P     . A   A 1 24 ? 1.670   -10.586 -3.661  1.00 51.08  ? 24  A   A P     1 
ATOM   465 O  OP1   . A   A 1 24 ? 3.047   -10.509 -4.206  1.00 45.09  ? 24  A   A OP1   1 
ATOM   466 O  OP2   . A   A 1 24 ? 1.101   -9.400  -2.980  1.00 50.46  ? 24  A   A OP2   1 
ATOM   467 O  "O5'" . A   A 1 24 ? 0.660   -11.082 -4.779  1.00 47.05  ? 24  A   A "O5'" 1 
ATOM   468 C  "C5'" . A   A 1 24 ? 0.941   -12.231 -5.548  1.00 50.53  ? 24  A   A "C5'" 1 
ATOM   469 C  "C4'" . A   A 1 24 ? -0.200  -12.559 -6.462  1.00 50.98  ? 24  A   A "C4'" 1 
ATOM   470 O  "O4'" . A   A 1 24 ? -1.276  -13.168 -5.717  1.00 55.73  ? 24  A   A "O4'" 1 
ATOM   471 C  "C3'" . A   A 1 24 ? -0.865  -11.385 -7.136  1.00 52.42  ? 24  A   A "C3'" 1 
ATOM   472 O  "O3'" . A   A 1 24 ? -0.114  -10.900 -8.226  1.00 53.13  ? 24  A   A "O3'" 1 
ATOM   473 C  "C2'" . A   A 1 24 ? -2.222  -11.964 -7.532  1.00 52.77  ? 24  A   A "C2'" 1 
ATOM   474 O  "O2'" . A   A 1 24 ? -2.107  -12.734 -8.719  1.00 56.34  ? 24  A   A "O2'" 1 
ATOM   475 C  "C1'" . A   A 1 24 ? -2.497  -12.925 -6.375  1.00 49.75  ? 24  A   A "C1'" 1 
ATOM   476 N  N9    . A   A 1 24 ? -3.447  -12.385 -5.405  1.00 45.87  ? 24  A   A N9    1 
ATOM   477 C  C8    . A   A 1 24 ? -3.133  -11.843 -4.203  1.00 52.11  ? 24  A   A C8    1 
ATOM   478 N  N7    . A   A 1 24 ? -4.180  -11.451 -3.523  1.00 56.21  ? 24  A   A N7    1 
ATOM   479 C  C5    . A   A 1 24 ? -5.250  -11.788 -4.332  1.00 53.01  ? 24  A   A C5    1 
ATOM   480 C  C6    . A   A 1 24 ? -6.632  -11.630 -4.157  1.00 54.57  ? 24  A   A C6    1 
ATOM   481 N  N6    . A   A 1 24 ? -7.164  -11.075 -3.061  1.00 61.38  ? 24  A   A N6    1 
ATOM   482 N  N1    . A   A 1 24 ? -7.441  -12.069 -5.138  1.00 48.89  ? 24  A   A N1    1 
ATOM   483 C  C2    . A   A 1 24 ? -6.863  -12.617 -6.215  1.00 56.06  ? 24  A   A C2    1 
ATOM   484 N  N3    . A   A 1 24 ? -5.569  -12.814 -6.496  1.00 54.48  ? 24  A   A N3    1 
ATOM   485 C  C4    . A   A 1 24 ? -4.808  -12.377 -5.492  1.00 49.94  ? 24  A   A C4    1 
ATOM   486 P  P     . C   A 1 25 ? -0.292  -9.388  -8.724  1.00 59.90  ? 25  C   A P     1 
ATOM   487 O  OP1   . C   A 1 25 ? 0.701   -9.173  -9.808  1.00 44.21  ? 25  C   A OP1   1 
ATOM   488 O  OP2   . C   A 1 25 ? -0.244  -8.518  -7.523  1.00 58.93  ? 25  C   A OP2   1 
ATOM   489 O  "O5'" . C   A 1 25 ? -1.759  -9.384  -9.316  1.00 51.76  ? 25  C   A "O5'" 1 
ATOM   490 C  "C5'" . C   A 1 25 ? -2.102  -10.210 -10.407 1.00 48.18  ? 25  C   A "C5'" 1 
ATOM   491 C  "C4'" . C   A 1 25 ? -3.555  -10.074 -10.728 1.00 50.51  ? 25  C   A "C4'" 1 
ATOM   492 O  "O4'" . C   A 1 25 ? -4.337  -10.592 -9.636  1.00 55.43  ? 25  C   A "O4'" 1 
ATOM   493 C  "C3'" . C   A 1 25 ? -4.053  -8.656  -10.872 1.00 59.89  ? 25  C   A "C3'" 1 
ATOM   494 O  "O3'" . C   A 1 25 ? -3.746  -8.092  -12.128 1.00 60.96  ? 25  C   A "O3'" 1 
ATOM   495 C  "C2'" . C   A 1 25 ? -5.547  -8.781  -10.590 1.00 57.47  ? 25  C   A "C2'" 1 
ATOM   496 O  "O2'" . C   A 1 25 ? -6.254  -9.176  -11.749 1.00 57.77  ? 25  C   A "O2'" 1 
ATOM   497 C  "C1'" . C   A 1 25 ? -5.579  -9.933  -9.584  1.00 51.45  ? 25  C   A "C1'" 1 
ATOM   498 N  N1    . C   A 1 25 ? -5.803  -9.473  -8.213  1.00 53.60  ? 25  C   A N1    1 
ATOM   499 C  C2    . C   A 1 25 ? -7.117  -9.246  -7.840  1.00 59.47  ? 25  C   A C2    1 
ATOM   500 O  O2    . C   A 1 25 ? -7.987  -9.444  -8.703  1.00 62.40  ? 25  C   A O2    1 
ATOM   501 N  N3    . C   A 1 25 ? -7.391  -8.823  -6.582  1.00 57.17  ? 25  C   A N3    1 
ATOM   502 C  C4    . C   A 1 25 ? -6.393  -8.641  -5.714  1.00 56.33  ? 25  C   A C4    1 
ATOM   503 N  N4    . C   A 1 25 ? -6.696  -8.223  -4.477  1.00 61.35  ? 25  C   A N4    1 
ATOM   504 C  C5    . C   A 1 25 ? -5.035  -8.873  -6.076  1.00 55.75  ? 25  C   A C5    1 
ATOM   505 C  C6    . C   A 1 25 ? -4.784  -9.287  -7.329  1.00 58.71  ? 25  C   A C6    1 
ATOM   506 P  P     . A   A 1 26 ? -3.690  -6.502  -12.287 1.00 75.60  ? 26  A   A P     1 
ATOM   507 O  OP1   . A   A 1 26 ? -3.396  -6.215  -13.713 1.00 81.41  ? 26  A   A OP1   1 
ATOM   508 O  OP2   . A   A 1 26 ? -2.766  -5.982  -11.250 1.00 61.75  ? 26  A   A OP2   1 
ATOM   509 O  "O5'" . A   A 1 26 ? -5.180  -6.084  -11.943 1.00 63.18  ? 26  A   A "O5'" 1 
ATOM   510 C  "C5'" . A   A 1 26 ? -5.452  -4.927  -11.181 1.00 63.81  ? 26  A   A "C5'" 1 
ATOM   511 C  "C4'" . A   A 1 26 ? -6.705  -5.097  -10.368 1.00 63.42  ? 26  A   A "C4'" 1 
ATOM   512 O  "O4'" . A   A 1 26 ? -6.434  -5.967  -9.245  1.00 66.27  ? 26  A   A "O4'" 1 
ATOM   513 C  "C3'" . A   A 1 26 ? -7.264  -3.827  -9.760  1.00 64.57  ? 26  A   A "C3'" 1 
ATOM   514 O  "O3'" . A   A 1 26 ? -8.121  -3.145  -10.655 1.00 66.89  ? 26  A   A "O3'" 1 
ATOM   515 C  "C2'" . A   A 1 26 ? -7.964  -4.310  -8.490  1.00 67.48  ? 26  A   A "C2'" 1 
ATOM   516 O  "O2'" . A   A 1 26 ? -9.284  -4.737  -8.775  1.00 68.68  ? 26  A   A "O2'" 1 
ATOM   517 C  "C1'" . A   A 1 26 ? -7.134  -5.535  -8.106  1.00 64.92  ? 26  A   A "C1'" 1 
ATOM   518 N  N9    . A   A 1 26 ? -6.152  -5.254  -7.039  1.00 59.44  ? 26  A   A N9    1 
ATOM   519 C  C8    . A   A 1 26 ? -4.788  -5.385  -7.119  1.00 54.46  ? 26  A   A C8    1 
ATOM   520 N  N7    . A   A 1 26 ? -4.155  -5.104  -6.004  1.00 51.34  ? 26  A   A N7    1 
ATOM   521 C  C5    . A   A 1 26 ? -5.181  -4.777  -5.131  1.00 54.58  ? 26  A   A C5    1 
ATOM   522 C  C6    . A   A 1 26 ? -5.172  -4.383  -3.785  1.00 49.98  ? 26  A   A C6    1 
ATOM   523 N  N6    . A   A 1 26 ? -4.056  -4.255  -3.078  1.00 45.93  ? 26  A   A N6    1 
ATOM   524 N  N1    . A   A 1 26 ? -6.361  -4.138  -3.194  1.00 50.96  ? 26  A   A N1    1 
ATOM   525 C  C2    . A   A 1 26 ? -7.478  -4.275  -3.922  1.00 56.54  ? 26  A   A C2    1 
ATOM   526 N  N3    . A   A 1 26 ? -7.616  -4.641  -5.203  1.00 59.18  ? 26  A   A N3    1 
ATOM   527 C  C4    . A   A 1 26 ? -6.415  -4.878  -5.750  1.00 55.84  ? 26  A   A C4    1 
ATOM   528 P  P     . A   A 1 27 ? -7.997  -1.556  -10.846 1.00 78.01  ? 27  A   A P     1 
ATOM   529 O  OP1   . A   A 1 27 ? -8.859  -1.183  -11.997 1.00 74.05  ? 27  A   A OP1   1 
ATOM   530 O  OP2   . A   A 1 27 ? -6.541  -1.226  -10.902 1.00 62.42  ? 27  A   A OP2   1 
ATOM   531 O  "O5'" . A   A 1 27 ? -8.631  -1.008  -9.501  1.00 73.70  ? 27  A   A "O5'" 1 
ATOM   532 C  "C5'" . A   A 1 27 ? -9.847  -1.544  -9.006  1.00 70.26  ? 27  A   A "C5'" 1 
ATOM   533 C  "C4'" . A   A 1 27 ? -10.147 -1.009  -7.636  1.00 70.81  ? 27  A   A "C4'" 1 
ATOM   534 O  "O4'" . A   A 1 27 ? -9.388  -1.745  -6.649  1.00 66.46  ? 27  A   A "O4'" 1 
ATOM   535 C  "C3'" . A   A 1 27 ? -9.766  0.442   -7.411  1.00 70.69  ? 27  A   A "C3'" 1 
ATOM   536 O  "O3'" . A   A 1 27 ? -10.767 1.330   -7.873  1.00 77.44  ? 27  A   A "O3'" 1 
ATOM   537 C  "C2'" . A   A 1 27 ? -9.534  0.508   -5.906  1.00 69.79  ? 27  A   A "C2'" 1 
ATOM   538 O  "O2'" . A   A 1 27 ? -10.771 0.655   -5.222  1.00 70.77  ? 27  A   A "O2'" 1 
ATOM   539 C  "C1'" . A   A 1 27 ? -8.983  -0.892  -5.609  1.00 63.68  ? 27  A   A "C1'" 1 
ATOM   540 N  N9    . A   A 1 27 ? -7.509  -0.938  -5.530  1.00 60.72  ? 27  A   A N9    1 
ATOM   541 C  C8    . A   A 1 27 ? -6.641  -1.164  -6.574  1.00 62.19  ? 27  A   A C8    1 
ATOM   542 N  N7    . A   A 1 27 ? -5.374  -1.205  -6.215  1.00 59.00  ? 27  A   A N7    1 
ATOM   543 C  C5    . A   A 1 27 ? -5.406  -1.025  -4.840  1.00 51.69  ? 27  A   A C5    1 
ATOM   544 C  C6    . A   A 1 27 ? -4.382  -0.971  -3.872  1.00 52.74  ? 27  A   A C6    1 
ATOM   545 N  N6    . A   A 1 27 ? -3.078  -1.103  -4.155  1.00 48.26  ? 27  A   A N6    1 
ATOM   546 N  N1    . A   A 1 27 ? -4.751  -0.770  -2.579  1.00 53.03  ? 27  A   A N1    1 
ATOM   547 C  C2    . A   A 1 27 ? -6.060  -0.645  -2.306  1.00 54.23  ? 27  A   A C2    1 
ATOM   548 N  N3    . A   A 1 27 ? -7.107  -0.679  -3.139  1.00 55.51  ? 27  A   A N3    1 
ATOM   549 C  C4    . A   A 1 27 ? -6.714  -0.874  -4.405  1.00 53.01  ? 27  A   A C4    1 
ATOM   550 P  P     . A   A 1 28 ? -10.383 2.795   -8.407  1.00 87.88  ? 28  A   A P     1 
ATOM   551 O  OP1   . A   A 1 28 ? -11.398 3.163   -9.422  1.00 86.84  ? 28  A   A OP1   1 
ATOM   552 O  OP2   . A   A 1 28 ? -8.952  2.764   -8.807  1.00 78.48  ? 28  A   A OP2   1 
ATOM   553 O  "O5'" . A   A 1 28 ? -10.572 3.692   -7.112  1.00 80.77  ? 28  A   A "O5'" 1 
ATOM   554 C  "C5'" . A   A 1 28 ? -11.864 3.892   -6.568  1.00 79.88  ? 28  A   A "C5'" 1 
ATOM   555 C  "C4'" . A   A 1 28 ? -11.813 4.281   -5.111  1.00 82.52  ? 28  A   A "C4'" 1 
ATOM   556 O  "O4'" . A   A 1 28 ? -10.998 3.352   -4.366  1.00 77.17  ? 28  A   A "O4'" 1 
ATOM   557 C  "C3'" . A   A 1 28 ? -11.192 5.625   -4.779  1.00 80.68  ? 28  A   A "C3'" 1 
ATOM   558 O  "O3'" . A   A 1 28 ? -12.047 6.718   -5.070  1.00 86.90  ? 28  A   A "O3'" 1 
ATOM   559 C  "C2'" . A   A 1 28 ? -10.892 5.476   -3.291  1.00 77.90  ? 28  A   A "C2'" 1 
ATOM   560 O  "O2'" . A   A 1 28 ? -12.063 5.710   -2.522  1.00 84.43  ? 28  A   A "O2'" 1 
ATOM   561 C  "C1'" . A   A 1 28 ? -10.546 3.990   -3.188  1.00 73.14  ? 28  A   A "C1'" 1 
ATOM   562 N  N9    . A   A 1 28 ? -9.105  3.757   -3.023  1.00 66.48  ? 28  A   A N9    1 
ATOM   563 C  C8    . A   A 1 28 ? -8.074  3.770   -3.926  1.00 65.60  ? 28  A   A C8    1 
ATOM   564 N  N7    . A   A 1 28 ? -6.909  3.499   -3.369  1.00 59.48  ? 28  A   A N7    1 
ATOM   565 C  C5    . A   A 1 28 ? -7.208  3.298   -2.028  1.00 57.21  ? 28  A   A C5    1 
ATOM   566 C  C6    . A   A 1 28 ? -6.422  2.977   -0.909  1.00 60.73  ? 28  A   A C6    1 
ATOM   567 N  N6    . A   A 1 28 ? -5.099  2.797   -0.972  1.00 60.10  ? 28  A   A N6    1 
ATOM   568 N  N1    . A   A 1 28 ? -7.040  2.849   0.292   1.00 58.43  ? 28  A   A N1    1 
ATOM   569 C  C2    . A   A 1 28 ? -8.364  3.036   0.346   1.00 58.13  ? 28  A   A C2    1 
ATOM   570 N  N3    . A   A 1 28 ? -9.208  3.344   -0.638  1.00 60.36  ? 28  A   A N3    1 
ATOM   571 C  C4    . A   A 1 28 ? -8.555  3.456   -1.806  1.00 60.36  ? 28  A   A C4    1 
ATOM   572 P  P     . A   A 1 29 ? -11.626 8.212   -4.645  1.00 98.54  ? 29  A   A P     1 
ATOM   573 O  OP1   . A   A 1 29 ? -12.543 9.141   -5.355  1.00 87.26  ? 29  A   A OP1   1 
ATOM   574 O  OP2   . A   A 1 29 ? -10.160 8.340   -4.874  1.00 87.44  ? 29  A   A OP2   1 
ATOM   575 O  "O5'" . A   A 1 29 ? -11.929 8.239   -3.081  1.00 78.57  ? 29  A   A "O5'" 1 
ATOM   576 C  "C5'" . A   A 1 29 ? -11.216 9.117   -2.228  1.00 75.86  ? 29  A   A "C5'" 1 
ATOM   577 C  "C4'" . A   A 1 29 ? -11.181 8.611   -0.813  1.00 73.33  ? 29  A   A "C4'" 1 
ATOM   578 O  "O4'" . A   A 1 29 ? -10.755 7.225   -0.796  1.00 72.32  ? 29  A   A "O4'" 1 
ATOM   579 C  "C3'" . A   A 1 29 ? -10.199 9.311   0.112   1.00 67.64  ? 29  A   A "C3'" 1 
ATOM   580 O  "O3'" . A   A 1 29 ? -10.695 10.531  0.619   1.00 68.83  ? 29  A   A "O3'" 1 
ATOM   581 C  "C2'" . A   A 1 29 ? -9.946  8.256   1.178   1.00 66.11  ? 29  A   A "C2'" 1 
ATOM   582 O  "O2'" . A   A 1 29 ? -11.043 8.175   2.072   1.00 72.44  ? 29  A   A "O2'" 1 
ATOM   583 C  "C1'" . A   A 1 29 ? -9.928  6.991   0.327   1.00 67.77  ? 29  A   A "C1'" 1 
ATOM   584 N  N9    . A   A 1 29 ? -8.574  6.692   -0.159  1.00 62.77  ? 29  A   A N9    1 
ATOM   585 C  C8    . A   A 1 29 ? -8.106  6.774   -1.443  1.00 62.13  ? 29  A   A C8    1 
ATOM   586 N  N7    . A   A 1 29 ? -6.841  6.460   -1.542  1.00 58.79  ? 29  A   A N7    1 
ATOM   587 C  C5    . A   A 1 29 ? -6.463  6.164   -0.247  1.00 55.58  ? 29  A   A C5    1 
ATOM   588 C  C6    . A   A 1 29 ? -5.239  5.770   0.311   1.00 57.89  ? 29  A   A C6    1 
ATOM   589 N  N6    . A   A 1 29 ? -4.132  5.589   -0.418  1.00 58.54  ? 29  A   A N6    1 
ATOM   590 N  N1    . A   A 1 29 ? -5.193  5.556   1.645   1.00 53.53  ? 29  A   A N1    1 
ATOM   591 C  C2    . A   A 1 29 ? -6.316  5.736   2.348   1.00 54.34  ? 29  A   A C2    1 
ATOM   592 N  N3    . A   A 1 29 ? -7.524  6.111   1.937   1.00 53.67  ? 29  A   A N3    1 
ATOM   593 C  C4    . A   A 1 29 ? -7.522  6.306   0.616   1.00 55.58  ? 29  A   A C4    1 
ATOM   594 P  P     . C   A 1 30 ? -9.781  11.849  0.580   1.00 75.03  ? 30  C   A P     1 
ATOM   595 O  OP1   . C   A 1 30 ? -10.622 12.975  1.056   1.00 73.04  ? 30  C   A OP1   1 
ATOM   596 O  OP2   . C   A 1 30 ? -9.180  11.930  -0.778  1.00 65.75  ? 30  C   A OP2   1 
ATOM   597 O  "O5'" . C   A 1 30 ? -8.660  11.520  1.658   1.00 63.74  ? 30  C   A "O5'" 1 
ATOM   598 C  "C5'" . C   A 1 30 ? -9.018  11.172  2.986   1.00 61.82  ? 30  C   A "C5'" 1 
ATOM   599 C  "C4'" . C   A 1 30 ? -7.824  10.700  3.772   1.00 62.26  ? 30  C   A "C4'" 1 
ATOM   600 O  "O4'" . C   A 1 30 ? -7.333  9.460   3.216   1.00 62.33  ? 30  C   A "O4'" 1 
ATOM   601 C  "C3'" . C   A 1 30 ? -6.615  11.616  3.754   1.00 61.77  ? 30  C   A "C3'" 1 
ATOM   602 O  "O3'" . C   A 1 30 ? -6.729  12.681  4.683   1.00 66.06  ? 30  C   A "O3'" 1 
ATOM   603 C  "C2'" . C   A 1 30 ? -5.462  10.657  4.054   1.00 58.03  ? 30  C   A "C2'" 1 
ATOM   604 O  "O2'" . C   A 1 30 ? -5.376  10.392  5.447   1.00 62.11  ? 30  C   A "O2'" 1 
ATOM   605 C  "C1'" . C   A 1 30 ? -5.933  9.383   3.365   1.00 54.55  ? 30  C   A "C1'" 1 
ATOM   606 N  N1    . C   A 1 30 ? -5.323  9.189   2.031   1.00 52.66  ? 30  C   A N1    1 
ATOM   607 C  C2    . C   A 1 30 ? -4.016  8.696   1.927   1.00 52.53  ? 30  C   A C2    1 
ATOM   608 O  O2    . C   A 1 30 ? -3.355  8.472   2.951   1.00 53.85  ? 30  C   A O2    1 
ATOM   609 N  N3    . C   A 1 30 ? -3.474  8.492   0.714   1.00 49.23  ? 30  C   A N3    1 
ATOM   610 C  C4    . C   A 1 30 ? -4.196  8.734   -0.368  1.00 52.55  ? 30  C   A C4    1 
ATOM   611 N  N4    . C   A 1 30 ? -3.622  8.509   -1.545  1.00 58.45  ? 30  C   A N4    1 
ATOM   612 C  C5    . C   A 1 30 ? -5.532  9.208   -0.303  1.00 54.94  ? 30  C   A C5    1 
ATOM   613 C  C6    . C   A 1 30 ? -6.057  9.414   0.908   1.00 56.18  ? 30  C   A C6    1 
ATOM   614 P  P     . A   A 1 31 ? -5.806  13.990  4.543   1.00 65.59  ? 31  A   A P     1 
ATOM   615 O  OP1   . A   A 1 31 ? -6.254  14.941  5.583   1.00 62.57  ? 31  A   A OP1   1 
ATOM   616 O  OP2   . A   A 1 31 ? -5.853  14.413  3.117   1.00 58.40  ? 31  A   A OP2   1 
ATOM   617 O  "O5'" . A   A 1 31 ? -4.356  13.443  4.902   1.00 57.61  ? 31  A   A "O5'" 1 
ATOM   618 C  "C5'" . A   A 1 31 ? -3.530  14.123  5.833   1.00 58.24  ? 31  A   A "C5'" 1 
ATOM   619 C  "C4'" . A   A 1 31 ? -2.164  13.503  5.892   1.00 57.90  ? 31  A   A "C4'" 1 
ATOM   620 O  "O4'" . A   A 1 31 ? -2.186  12.256  5.165   1.00 59.13  ? 31  A   A "O4'" 1 
ATOM   621 C  "C3'" . A   A 1 31 ? -1.041  14.295  5.235   1.00 62.25  ? 31  A   A "C3'" 1 
ATOM   622 O  "O3'" . A   A 1 31 ? -0.495  15.282  6.087   1.00 65.68  ? 31  A   A "O3'" 1 
ATOM   623 C  "C2'" . A   A 1 31 ? -0.035  13.216  4.847   1.00 61.36  ? 31  A   A "C2'" 1 
ATOM   624 O  "O2'" . A   A 1 31 ? 0.783   12.867  5.957   1.00 65.17  ? 31  A   A "O2'" 1 
ATOM   625 C  "C1'" . A   A 1 31 ? -0.945  12.037  4.539   1.00 51.07  ? 31  A   A "C1'" 1 
ATOM   626 N  N9    . A   A 1 31 ? -1.175  11.845  3.107   1.00 46.75  ? 31  A   A N9    1 
ATOM   627 C  C8    . A   A 1 31 ? -2.381  11.900  2.454   1.00 52.59  ? 31  A   A C8    1 
ATOM   628 N  N7    . A   A 1 31 ? -2.285  11.615  1.174   1.00 52.40  ? 31  A   A N7    1 
ATOM   629 C  C5    . A   A 1 31 ? -0.938  11.339  0.993   1.00 43.34  ? 31  A   A C5    1 
ATOM   630 C  C6    . A   A 1 31 ? -0.209  10.966  -0.146  1.00 47.07  ? 31  A   A C6    1 
ATOM   631 N  N6    . A   A 1 31 ? -0.752  10.809  -1.361  1.00 48.95  ? 31  A   A N6    1 
ATOM   632 N  N1    . A   A 1 31 ? 1.117   10.768  0.015   1.00 47.12  ? 31  A   A N1    1 
ATOM   633 C  C2    . A   A 1 31 ? 1.636   10.940  1.246   1.00 48.40  ? 31  A   A C2    1 
ATOM   634 N  N3    . A   A 1 31 ? 1.051   11.297  2.393   1.00 41.21  ? 31  A   A N3    1 
ATOM   635 C  C4    . A   A 1 31 ? -0.249  11.473  2.181   1.00 40.70  ? 31  A   A C4    1 
ATOM   636 P  P     . A   A 1 32 ? -1.216  16.702  6.244   1.00 69.29  ? 32  A   A P     1 
ATOM   637 O  OP1   . A   A 1 32 ? -2.314  16.534  7.234   1.00 58.30  ? 32  A   A OP1   1 
ATOM   638 O  OP2   . A   A 1 32 ? -1.553  17.174  4.881   1.00 69.02  ? 32  A   A OP2   1 
ATOM   639 O  "O5'" . A   A 1 32 ? -0.061  17.597  6.862   1.00 70.83  ? 32  A   A "O5'" 1 
ATOM   640 C  "C5'" . A   A 1 32 ? 0.362   17.404  8.199   1.00 66.63  ? 32  A   A "C5'" 1 
ATOM   641 C  "C4'" . A   A 1 32 ? 1.813   17.008  8.271   1.00 70.07  ? 32  A   A "C4'" 1 
ATOM   642 O  "O4'" . A   A 1 32 ? 2.052   15.811  7.488   1.00 66.44  ? 32  A   A "O4'" 1 
ATOM   643 C  "C3'" . A   A 1 32 ? 2.804   17.985  7.683   1.00 70.73  ? 32  A   A "C3'" 1 
ATOM   644 O  "O3'" . A   A 1 32 ? 2.997   19.133  8.478   1.00 71.56  ? 32  A   A "O3'" 1 
ATOM   645 C  "C2'" . A   A 1 32 ? 4.044   17.118  7.526   1.00 66.70  ? 32  A   A "C2'" 1 
ATOM   646 O  "O2'" . A   A 1 32 ? 4.674   16.917  8.779   1.00 67.90  ? 32  A   A "O2'" 1 
ATOM   647 C  "C1'" . A   A 1 32 ? 3.415   15.793  7.088   1.00 66.41  ? 32  A   A "C1'" 1 
ATOM   648 N  N9    . A   A 1 32 ? 3.498   15.591  5.628   1.00 62.23  ? 32  A   A N9    1 
ATOM   649 C  C8    . A   A 1 32 ? 2.504   15.479  4.682   1.00 65.38  ? 32  A   A C8    1 
ATOM   650 N  N7    . A   A 1 32 ? 2.954   15.288  3.451   1.00 56.52  ? 32  A   A N7    1 
ATOM   651 C  C5    . A   A 1 32 ? 4.336   15.272  3.609   1.00 54.83  ? 32  A   A C5    1 
ATOM   652 C  C6    . A   A 1 32 ? 5.390   15.104  2.696   1.00 57.20  ? 32  A   A C6    1 
ATOM   653 N  N6    . A   A 1 32 ? 5.205   14.917  1.383   1.00 55.33  ? 32  A   A N6    1 
ATOM   654 N  N1    . A   A 1 32 ? 6.654   15.138  3.173   1.00 56.16  ? 32  A   A N1    1 
ATOM   655 C  C2    . A   A 1 32 ? 6.829   15.332  4.486   1.00 61.19  ? 32  A   A C2    1 
ATOM   656 N  N3    . A   A 1 32 ? 5.917   15.497  5.444   1.00 62.89  ? 32  A   A N3    1 
ATOM   657 C  C4    . A   A 1 32 ? 4.677   15.452  4.935   1.00 57.35  ? 32  A   A C4    1 
ATOM   658 P  P     . G   A 1 33 ? 2.588   20.569  7.891   1.00 82.12  ? 33  G   A P     1 
ATOM   659 O  OP1   . G   A 1 33 ? 2.839   21.568  8.962   1.00 78.38  ? 33  G   A OP1   1 
ATOM   660 O  OP2   . G   A 1 33 ? 1.210   20.438  7.339   1.00 70.64  ? 33  G   A OP2   1 
ATOM   661 O  "O5'" . G   A 1 33 ? 3.631   20.762  6.701   1.00 68.00  ? 33  G   A "O5'" 1 
ATOM   662 C  "C5'" . G   A 1 33 ? 5.022   20.601  6.923   1.00 66.92  ? 33  G   A "C5'" 1 
ATOM   663 C  "C4'" . G   A 1 33 ? 5.745   20.190  5.664   1.00 65.58  ? 33  G   A "C4'" 1 
ATOM   664 O  "O4'" . G   A 1 33 ? 5.174   18.961  5.139   1.00 66.13  ? 33  G   A "O4'" 1 
ATOM   665 C  "C3'" . G   A 1 33 ? 5.649   21.151  4.496   1.00 69.08  ? 33  G   A "C3'" 1 
ATOM   666 O  "O3'" . G   A 1 33 ? 6.514   22.266  4.623   1.00 78.06  ? 33  G   A "O3'" 1 
ATOM   667 C  "C2'" . G   A 1 33 ? 5.976   20.249  3.310   1.00 66.82  ? 33  G   A "C2'" 1 
ATOM   668 O  "O2'" . G   A 1 33 ? 7.373   20.008  3.236   1.00 66.60  ? 33  G   A "O2'" 1 
ATOM   669 C  "C1'" . G   A 1 33 ? 5.282   18.948  3.726   1.00 62.20  ? 33  G   A "C1'" 1 
ATOM   670 N  N9    . G   A 1 33 ? 3.924   18.818  3.143   1.00 59.47  ? 33  G   A N9    1 
ATOM   671 C  C8    . G   A 1 33 ? 2.713   19.011  3.786   1.00 58.94  ? 33  G   A C8    1 
ATOM   672 N  N7    . G   A 1 33 ? 1.675   18.815  3.004   1.00 54.39  ? 33  G   A N7    1 
ATOM   673 C  C5    . G   A 1 33 ? 2.232   18.470  1.779   1.00 46.69  ? 33  G   A C5    1 
ATOM   674 C  C6    . G   A 1 33 ? 1.590   18.148  0.556   1.00 47.95  ? 33  G   A C6    1 
ATOM   675 O  O6    . G   A 1 33 ? 0.378   18.106  0.336   1.00 49.11  ? 33  G   A O6    1 
ATOM   676 N  N1    . G   A 1 33 ? 2.487   17.864  -0.468  1.00 43.00  ? 33  G   A N1    1 
ATOM   677 C  C2    . G   A 1 33 ? 3.857   17.890  -0.292  1.00 51.29  ? 33  G   A C2    1 
ATOM   678 N  N2    . G   A 1 33 ? 4.578   17.587  -1.389  1.00 46.17  ? 33  G   A N2    1 
ATOM   679 N  N3    . G   A 1 33 ? 4.478   18.188  0.857   1.00 47.55  ? 33  G   A N3    1 
ATOM   680 C  C4    . G   A 1 33 ? 3.608   18.464  1.845   1.00 47.81  ? 33  G   A C4    1 
HETATM 681 S  S     . SO4 B 2 .  ? -2.542  -5.165  7.132   0.50 56.61  ? 103 SO4 A S     1 
HETATM 682 O  O1    . SO4 B 2 .  ? -1.225  -4.810  6.600   0.50 55.13  ? 103 SO4 A O1    1 
HETATM 683 O  O2    . SO4 B 2 .  ? -2.923  -4.168  8.144   0.50 59.45  ? 103 SO4 A O2    1 
HETATM 684 O  O3    . SO4 B 2 .  ? -3.525  -5.192  6.044   0.50 37.32  ? 103 SO4 A O3    1 
HETATM 685 O  O4    . SO4 B 2 .  ? -2.436  -6.473  7.778   0.50 50.60  ? 103 SO4 A O4    1 
HETATM 686 MG MG    . MG  C 3 .  ? 4.841   -0.705  -0.625  1.00 60.30  ? 105 MG  A MG    1 
HETATM 687 O  O     . HOH D 4 .  ? -0.411  -18.916 5.327   1.00 53.45  ? 200 HOH A O     1 
HETATM 688 O  O     . HOH D 4 .  ? 6.524   4.262   -2.873  1.00 56.34  ? 201 HOH A O     1 
HETATM 689 O  O     . HOH D 4 .  ? 5.522   16.536  11.694  1.00 60.92  ? 202 HOH A O     1 
HETATM 690 O  O     . HOH D 4 .  ? 6.564   1.637   3.476   1.00 57.28  ? 203 HOH A O     1 
# 
loop_
_pdbx_poly_seq_scheme.asym_id 
_pdbx_poly_seq_scheme.entity_id 
_pdbx_poly_seq_scheme.seq_id 
_pdbx_poly_seq_scheme.mon_id 
_pdbx_poly_seq_scheme.ndb_seq_num 
_pdbx_poly_seq_scheme.pdb_seq_num 
_pdbx_poly_seq_scheme.auth_seq_num 
_pdbx_poly_seq_scheme.pdb_mon_id 
_pdbx_poly_seq_scheme.auth_mon_id 
_pdbx_poly_seq_scheme.pdb_strand_id 
_pdbx_poly_seq_scheme.pdb_ins_code 
_pdbx_poly_seq_scheme.hetero 
A 1 1  C 1  1  1  C C A . n 
A 1 2  U 2  2  2  U U A . n 
A 1 3  G 3  3  3  G G A . n 
A 1 4  G 4  4  4  G G A . n 
A 1 5  G 5  5  5  G G A . n 
A 1 6  U 6  6  6  U U A . n 
A 1 7  C 7  7  7  C C A . n 
A 1 8  G 8  8  8  G G A . n 
A 1 9  C 9  9  9  C C A . n 
A 1 10 A 10 10 10 A A A . n 
A 1 11 G 11 11 11 G G A . n 
A 1 12 U 12 12 12 U U A . n 
A 1 13 A 13 13 ?  ? ? A . n 
A 1 14 A 14 14 14 A A A . n 
A 1 15 C 15 15 15 C C A . n 
A 1 16 C 16 16 16 C C A . n 
A 1 17 C 17 17 17 C C A . n 
A 1 18 C 18 18 18 C C A . n 
A 1 19 A 19 19 19 A A A . n 
A 1 20 G 20 20 20 G G A . n 
A 1 21 U 21 21 21 U U A . n 
A 1 22 U 22 22 22 U U A . n 
A 1 23 A 23 23 23 A A A . n 
A 1 24 A 24 24 24 A A A . n 
A 1 25 C 25 25 25 C C A . n 
A 1 26 A 26 26 26 A A A . n 
A 1 27 A 27 27 27 A A A . n 
A 1 28 A 28 28 28 A A A . n 
A 1 29 A 29 29 29 A A A . n 
A 1 30 C 30 30 30 C C A . n 
A 1 31 A 31 31 31 A A A . n 
A 1 32 A 32 32 32 A A A . n 
A 1 33 G 33 33 33 G G A . n 
# 
loop_
_pdbx_nonpoly_scheme.asym_id 
_pdbx_nonpoly_scheme.entity_id 
_pdbx_nonpoly_scheme.mon_id 
_pdbx_nonpoly_scheme.ndb_seq_num 
_pdbx_nonpoly_scheme.pdb_seq_num 
_pdbx_nonpoly_scheme.auth_seq_num 
_pdbx_nonpoly_scheme.pdb_mon_id 
_pdbx_nonpoly_scheme.auth_mon_id 
_pdbx_nonpoly_scheme.pdb_strand_id 
_pdbx_nonpoly_scheme.pdb_ins_code 
B 2 SO4 1 103 103 SO4 SO4 A . 
C 3 MG  1 105 105 MG  MG  A . 
D 4 HOH 1 200 200 HOH HOH A . 
D 4 HOH 2 201 201 HOH HOH A . 
D 4 HOH 3 202 202 HOH HOH A . 
D 4 HOH 4 203 203 HOH HOH A . 
# 
_pdbx_struct_assembly.id                   1 
_pdbx_struct_assembly.details              author_and_software_defined_assembly 
_pdbx_struct_assembly.method_details       PISA 
_pdbx_struct_assembly.oligomeric_details   monomeric 
_pdbx_struct_assembly.oligomeric_count     1 
# 
_pdbx_struct_assembly_gen.assembly_id       1 
_pdbx_struct_assembly_gen.oper_expression   1 
_pdbx_struct_assembly_gen.asym_id_list      A,B,C,D 
# 
_pdbx_struct_oper_list.id                   1 
_pdbx_struct_oper_list.type                 'identity operation' 
_pdbx_struct_oper_list.name                 1_555 
_pdbx_struct_oper_list.symmetry_operation   x,y,z 
_pdbx_struct_oper_list.matrix[1][1]         1.0000000000 
_pdbx_struct_oper_list.matrix[1][2]         0.0000000000 
_pdbx_struct_oper_list.matrix[1][3]         0.0000000000 
_pdbx_struct_oper_list.vector[1]            0.0000000000 
_pdbx_struct_oper_list.matrix[2][1]         0.0000000000 
_pdbx_struct_oper_list.matrix[2][2]         1.0000000000 
_pdbx_struct_oper_list.matrix[2][3]         0.0000000000 
_pdbx_struct_oper_list.vector[2]            0.0000000000 
_pdbx_struct_oper_list.matrix[3][1]         0.0000000000 
_pdbx_struct_oper_list.matrix[3][2]         0.0000000000 
_pdbx_struct_oper_list.matrix[3][3]         1.0000000000 
_pdbx_struct_oper_list.vector[3]            0.0000000000 
# 
loop_
_pdbx_audit_revision_history.ordinal 
_pdbx_audit_revision_history.data_content_type 
_pdbx_audit_revision_history.major_revision 
_pdbx_audit_revision_history.minor_revision 
_pdbx_audit_revision_history.revision_date 
1 'Structure model' 1 0 2011-05-18 
2 'Structure model' 1 1 2011-07-13 
3 'Structure model' 1 2 2013-06-12 
4 'Structure model' 1 3 2018-01-24 
5 'Structure model' 1 4 2023-09-13 
# 
_pdbx_audit_revision_details.ordinal             1 
_pdbx_audit_revision_details.revision_ordinal    1 
_pdbx_audit_revision_details.data_content_type   'Structure model' 
_pdbx_audit_revision_details.provider            repository 
_pdbx_audit_revision_details.type                'Initial release' 
_pdbx_audit_revision_details.description         ? 
_pdbx_audit_revision_details.details             ? 
# 
loop_
_pdbx_audit_revision_group.ordinal 
_pdbx_audit_revision_group.revision_ordinal 
_pdbx_audit_revision_group.data_content_type 
_pdbx_audit_revision_group.group 
1 2 'Structure model' 'Version format compliance' 
2 3 'Structure model' 'Database references'       
3 4 'Structure model' 'Structure summary'         
4 5 'Structure model' 'Data collection'           
5 5 'Structure model' 'Database references'       
6 5 'Structure model' 'Derived calculations'      
7 5 'Structure model' 'Refinement description'    
# 
loop_
_pdbx_audit_revision_category.ordinal 
_pdbx_audit_revision_category.revision_ordinal 
_pdbx_audit_revision_category.data_content_type 
_pdbx_audit_revision_category.category 
1 4 'Structure model' audit_author                  
2 5 'Structure model' chem_comp_atom                
3 5 'Structure model' chem_comp_bond                
4 5 'Structure model' database_2                    
5 5 'Structure model' pdbx_initial_refinement_model 
6 5 'Structure model' struct_site                   
# 
loop_
_pdbx_audit_revision_item.ordinal 
_pdbx_audit_revision_item.revision_ordinal 
_pdbx_audit_revision_item.data_content_type 
_pdbx_audit_revision_item.item 
1 4 'Structure model' '_audit_author.name'                  
2 5 'Structure model' '_database_2.pdbx_DOI'                
3 5 'Structure model' '_database_2.pdbx_database_accession' 
4 5 'Structure model' '_struct_site.pdbx_auth_asym_id'      
5 5 'Structure model' '_struct_site.pdbx_auth_comp_id'      
6 5 'Structure model' '_struct_site.pdbx_auth_seq_id'       
# 
loop_
_software.pdbx_ordinal 
_software.name 
_software.version 
_software.date 
_software.type 
_software.contact_author 
_software.contact_author_email 
_software.classification 
_software.location 
_software.language 
_software.citation_id 
1 SCALEPACK   .         ?               program 'Zbyszek Otwinowski' hkl@hkl-xray.com         'data scaling'    
http://www.hkl-xray.com/                  ?   ? 
2 PHENIX      1.6.4_486 ?               package 'Paul D. Adams'      PDAdams@lbl.gov          refinement        
http://www.phenix-online.org/             C++ ? 
3 PDB_EXTRACT 3.10      'June 10, 2010' package PDB                  deposit@deposit.rcsb.org 'data extraction' 
http://sw-tools.pdb.org/apps/PDB_EXTRACT/ C++ ? 
4 HKL-2000    .         ?               ?       ?                    ?                        'data collection' ? ?   ? 
5 HKL-2000    .         ?               ?       ?                    ?                        'data reduction'  ? ?   ? 
6 HKL-2000    .         ?               ?       ?                    ?                        'data scaling'    ? ?   ? 
7 PHENIX      1.6.4_486 ?               ?       ?                    ?                        phasing           ? ?   ? 
# 
_pdbx_unobs_or_zero_occ_residues.id               1 
_pdbx_unobs_or_zero_occ_residues.PDB_model_num    1 
_pdbx_unobs_or_zero_occ_residues.polymer_flag     Y 
_pdbx_unobs_or_zero_occ_residues.occupancy_flag   1 
_pdbx_unobs_or_zero_occ_residues.auth_asym_id     A 
_pdbx_unobs_or_zero_occ_residues.auth_comp_id     A 
_pdbx_unobs_or_zero_occ_residues.auth_seq_id      13 
_pdbx_unobs_or_zero_occ_residues.PDB_ins_code     ? 
_pdbx_unobs_or_zero_occ_residues.label_asym_id    A 
_pdbx_unobs_or_zero_occ_residues.label_comp_id    A 
_pdbx_unobs_or_zero_occ_residues.label_seq_id     13 
# 
loop_
_chem_comp_atom.comp_id 
_chem_comp_atom.atom_id 
_chem_comp_atom.type_symbol 
_chem_comp_atom.pdbx_aromatic_flag 
_chem_comp_atom.pdbx_stereo_config 
_chem_comp_atom.pdbx_ordinal 
A   OP3    O  N N 1   
A   P      P  N N 2   
A   OP1    O  N N 3   
A   OP2    O  N N 4   
A   "O5'"  O  N N 5   
A   "C5'"  C  N N 6   
A   "C4'"  C  N R 7   
A   "O4'"  O  N N 8   
A   "C3'"  C  N S 9   
A   "O3'"  O  N N 10  
A   "C2'"  C  N R 11  
A   "O2'"  O  N N 12  
A   "C1'"  C  N R 13  
A   N9     N  Y N 14  
A   C8     C  Y N 15  
A   N7     N  Y N 16  
A   C5     C  Y N 17  
A   C6     C  Y N 18  
A   N6     N  N N 19  
A   N1     N  Y N 20  
A   C2     C  Y N 21  
A   N3     N  Y N 22  
A   C4     C  Y N 23  
A   HOP3   H  N N 24  
A   HOP2   H  N N 25  
A   "H5'"  H  N N 26  
A   "H5''" H  N N 27  
A   "H4'"  H  N N 28  
A   "H3'"  H  N N 29  
A   "HO3'" H  N N 30  
A   "H2'"  H  N N 31  
A   "HO2'" H  N N 32  
A   "H1'"  H  N N 33  
A   H8     H  N N 34  
A   H61    H  N N 35  
A   H62    H  N N 36  
A   H2     H  N N 37  
C   OP3    O  N N 38  
C   P      P  N N 39  
C   OP1    O  N N 40  
C   OP2    O  N N 41  
C   "O5'"  O  N N 42  
C   "C5'"  C  N N 43  
C   "C4'"  C  N R 44  
C   "O4'"  O  N N 45  
C   "C3'"  C  N S 46  
C   "O3'"  O  N N 47  
C   "C2'"  C  N R 48  
C   "O2'"  O  N N 49  
C   "C1'"  C  N R 50  
C   N1     N  N N 51  
C   C2     C  N N 52  
C   O2     O  N N 53  
C   N3     N  N N 54  
C   C4     C  N N 55  
C   N4     N  N N 56  
C   C5     C  N N 57  
C   C6     C  N N 58  
C   HOP3   H  N N 59  
C   HOP2   H  N N 60  
C   "H5'"  H  N N 61  
C   "H5''" H  N N 62  
C   "H4'"  H  N N 63  
C   "H3'"  H  N N 64  
C   "HO3'" H  N N 65  
C   "H2'"  H  N N 66  
C   "HO2'" H  N N 67  
C   "H1'"  H  N N 68  
C   H41    H  N N 69  
C   H42    H  N N 70  
C   H5     H  N N 71  
C   H6     H  N N 72  
G   OP3    O  N N 73  
G   P      P  N N 74  
G   OP1    O  N N 75  
G   OP2    O  N N 76  
G   "O5'"  O  N N 77  
G   "C5'"  C  N N 78  
G   "C4'"  C  N R 79  
G   "O4'"  O  N N 80  
G   "C3'"  C  N S 81  
G   "O3'"  O  N N 82  
G   "C2'"  C  N R 83  
G   "O2'"  O  N N 84  
G   "C1'"  C  N R 85  
G   N9     N  Y N 86  
G   C8     C  Y N 87  
G   N7     N  Y N 88  
G   C5     C  Y N 89  
G   C6     C  N N 90  
G   O6     O  N N 91  
G   N1     N  N N 92  
G   C2     C  N N 93  
G   N2     N  N N 94  
G   N3     N  N N 95  
G   C4     C  Y N 96  
G   HOP3   H  N N 97  
G   HOP2   H  N N 98  
G   "H5'"  H  N N 99  
G   "H5''" H  N N 100 
G   "H4'"  H  N N 101 
G   "H3'"  H  N N 102 
G   "HO3'" H  N N 103 
G   "H2'"  H  N N 104 
G   "HO2'" H  N N 105 
G   "H1'"  H  N N 106 
G   H8     H  N N 107 
G   H1     H  N N 108 
G   H21    H  N N 109 
G   H22    H  N N 110 
HOH O      O  N N 111 
HOH H1     H  N N 112 
HOH H2     H  N N 113 
MG  MG     MG N N 114 
SO4 S      S  N N 115 
SO4 O1     O  N N 116 
SO4 O2     O  N N 117 
SO4 O3     O  N N 118 
SO4 O4     O  N N 119 
U   OP3    O  N N 120 
U   P      P  N N 121 
U   OP1    O  N N 122 
U   OP2    O  N N 123 
U   "O5'"  O  N N 124 
U   "C5'"  C  N N 125 
U   "C4'"  C  N R 126 
U   "O4'"  O  N N 127 
U   "C3'"  C  N S 128 
U   "O3'"  O  N N 129 
U   "C2'"  C  N R 130 
U   "O2'"  O  N N 131 
U   "C1'"  C  N R 132 
U   N1     N  N N 133 
U   C2     C  N N 134 
U   O2     O  N N 135 
U   N3     N  N N 136 
U   C4     C  N N 137 
U   O4     O  N N 138 
U   C5     C  N N 139 
U   C6     C  N N 140 
U   HOP3   H  N N 141 
U   HOP2   H  N N 142 
U   "H5'"  H  N N 143 
U   "H5''" H  N N 144 
U   "H4'"  H  N N 145 
U   "H3'"  H  N N 146 
U   "HO3'" H  N N 147 
U   "H2'"  H  N N 148 
U   "HO2'" H  N N 149 
U   "H1'"  H  N N 150 
U   H3     H  N N 151 
U   H5     H  N N 152 
U   H6     H  N N 153 
# 
loop_
_chem_comp_bond.comp_id 
_chem_comp_bond.atom_id_1 
_chem_comp_bond.atom_id_2 
_chem_comp_bond.value_order 
_chem_comp_bond.pdbx_aromatic_flag 
_chem_comp_bond.pdbx_stereo_config 
_chem_comp_bond.pdbx_ordinal 
A   OP3   P      sing N N 1   
A   OP3   HOP3   sing N N 2   
A   P     OP1    doub N N 3   
A   P     OP2    sing N N 4   
A   P     "O5'"  sing N N 5   
A   OP2   HOP2   sing N N 6   
A   "O5'" "C5'"  sing N N 7   
A   "C5'" "C4'"  sing N N 8   
A   "C5'" "H5'"  sing N N 9   
A   "C5'" "H5''" sing N N 10  
A   "C4'" "O4'"  sing N N 11  
A   "C4'" "C3'"  sing N N 12  
A   "C4'" "H4'"  sing N N 13  
A   "O4'" "C1'"  sing N N 14  
A   "C3'" "O3'"  sing N N 15  
A   "C3'" "C2'"  sing N N 16  
A   "C3'" "H3'"  sing N N 17  
A   "O3'" "HO3'" sing N N 18  
A   "C2'" "O2'"  sing N N 19  
A   "C2'" "C1'"  sing N N 20  
A   "C2'" "H2'"  sing N N 21  
A   "O2'" "HO2'" sing N N 22  
A   "C1'" N9     sing N N 23  
A   "C1'" "H1'"  sing N N 24  
A   N9    C8     sing Y N 25  
A   N9    C4     sing Y N 26  
A   C8    N7     doub Y N 27  
A   C8    H8     sing N N 28  
A   N7    C5     sing Y N 29  
A   C5    C6     sing Y N 30  
A   C5    C4     doub Y N 31  
A   C6    N6     sing N N 32  
A   C6    N1     doub Y N 33  
A   N6    H61    sing N N 34  
A   N6    H62    sing N N 35  
A   N1    C2     sing Y N 36  
A   C2    N3     doub Y N 37  
A   C2    H2     sing N N 38  
A   N3    C4     sing Y N 39  
C   OP3   P      sing N N 40  
C   OP3   HOP3   sing N N 41  
C   P     OP1    doub N N 42  
C   P     OP2    sing N N 43  
C   P     "O5'"  sing N N 44  
C   OP2   HOP2   sing N N 45  
C   "O5'" "C5'"  sing N N 46  
C   "C5'" "C4'"  sing N N 47  
C   "C5'" "H5'"  sing N N 48  
C   "C5'" "H5''" sing N N 49  
C   "C4'" "O4'"  sing N N 50  
C   "C4'" "C3'"  sing N N 51  
C   "C4'" "H4'"  sing N N 52  
C   "O4'" "C1'"  sing N N 53  
C   "C3'" "O3'"  sing N N 54  
C   "C3'" "C2'"  sing N N 55  
C   "C3'" "H3'"  sing N N 56  
C   "O3'" "HO3'" sing N N 57  
C   "C2'" "O2'"  sing N N 58  
C   "C2'" "C1'"  sing N N 59  
C   "C2'" "H2'"  sing N N 60  
C   "O2'" "HO2'" sing N N 61  
C   "C1'" N1     sing N N 62  
C   "C1'" "H1'"  sing N N 63  
C   N1    C2     sing N N 64  
C   N1    C6     sing N N 65  
C   C2    O2     doub N N 66  
C   C2    N3     sing N N 67  
C   N3    C4     doub N N 68  
C   C4    N4     sing N N 69  
C   C4    C5     sing N N 70  
C   N4    H41    sing N N 71  
C   N4    H42    sing N N 72  
C   C5    C6     doub N N 73  
C   C5    H5     sing N N 74  
C   C6    H6     sing N N 75  
G   OP3   P      sing N N 76  
G   OP3   HOP3   sing N N 77  
G   P     OP1    doub N N 78  
G   P     OP2    sing N N 79  
G   P     "O5'"  sing N N 80  
G   OP2   HOP2   sing N N 81  
G   "O5'" "C5'"  sing N N 82  
G   "C5'" "C4'"  sing N N 83  
G   "C5'" "H5'"  sing N N 84  
G   "C5'" "H5''" sing N N 85  
G   "C4'" "O4'"  sing N N 86  
G   "C4'" "C3'"  sing N N 87  
G   "C4'" "H4'"  sing N N 88  
G   "O4'" "C1'"  sing N N 89  
G   "C3'" "O3'"  sing N N 90  
G   "C3'" "C2'"  sing N N 91  
G   "C3'" "H3'"  sing N N 92  
G   "O3'" "HO3'" sing N N 93  
G   "C2'" "O2'"  sing N N 94  
G   "C2'" "C1'"  sing N N 95  
G   "C2'" "H2'"  sing N N 96  
G   "O2'" "HO2'" sing N N 97  
G   "C1'" N9     sing N N 98  
G   "C1'" "H1'"  sing N N 99  
G   N9    C8     sing Y N 100 
G   N9    C4     sing Y N 101 
G   C8    N7     doub Y N 102 
G   C8    H8     sing N N 103 
G   N7    C5     sing Y N 104 
G   C5    C6     sing N N 105 
G   C5    C4     doub Y N 106 
G   C6    O6     doub N N 107 
G   C6    N1     sing N N 108 
G   N1    C2     sing N N 109 
G   N1    H1     sing N N 110 
G   C2    N2     sing N N 111 
G   C2    N3     doub N N 112 
G   N2    H21    sing N N 113 
G   N2    H22    sing N N 114 
G   N3    C4     sing N N 115 
HOH O     H1     sing N N 116 
HOH O     H2     sing N N 117 
SO4 S     O1     doub N N 118 
SO4 S     O2     doub N N 119 
SO4 S     O3     sing N N 120 
SO4 S     O4     sing N N 121 
U   OP3   P      sing N N 122 
U   OP3   HOP3   sing N N 123 
U   P     OP1    doub N N 124 
U   P     OP2    sing N N 125 
U   P     "O5'"  sing N N 126 
U   OP2   HOP2   sing N N 127 
U   "O5'" "C5'"  sing N N 128 
U   "C5'" "C4'"  sing N N 129 
U   "C5'" "H5'"  sing N N 130 
U   "C5'" "H5''" sing N N 131 
U   "C4'" "O4'"  sing N N 132 
U   "C4'" "C3'"  sing N N 133 
U   "C4'" "H4'"  sing N N 134 
U   "O4'" "C1'"  sing N N 135 
U   "C3'" "O3'"  sing N N 136 
U   "C3'" "C2'"  sing N N 137 
U   "C3'" "H3'"  sing N N 138 
U   "O3'" "HO3'" sing N N 139 
U   "C2'" "O2'"  sing N N 140 
U   "C2'" "C1'"  sing N N 141 
U   "C2'" "H2'"  sing N N 142 
U   "O2'" "HO2'" sing N N 143 
U   "C1'" N1     sing N N 144 
U   "C1'" "H1'"  sing N N 145 
U   N1    C2     sing N N 146 
U   N1    C6     sing N N 147 
U   C2    O2     doub N N 148 
U   C2    N3     sing N N 149 
U   N3    C4     sing N N 150 
U   N3    H3     sing N N 151 
U   C4    O4     doub N N 152 
U   C4    C5     sing N N 153 
U   C5    C6     doub N N 154 
U   C5    H5     sing N N 155 
U   C6    H6     sing N N 156 
# 
loop_
_ndb_struct_conf_na.entry_id 
_ndb_struct_conf_na.feature 
3Q51 'double helix'     
3Q51 'parallel strands' 
3Q51 'bulge loop'       
3Q51 'quadruple helix'  
# 
loop_
_ndb_struct_na_base_pair.model_number 
_ndb_struct_na_base_pair.i_label_asym_id 
_ndb_struct_na_base_pair.i_label_comp_id 
_ndb_struct_na_base_pair.i_label_seq_id 
_ndb_struct_na_base_pair.i_symmetry 
_ndb_struct_na_base_pair.j_label_asym_id 
_ndb_struct_na_base_pair.j_label_comp_id 
_ndb_struct_na_base_pair.j_label_seq_id 
_ndb_struct_na_base_pair.j_symmetry 
_ndb_struct_na_base_pair.shear 
_ndb_struct_na_base_pair.stretch 
_ndb_struct_na_base_pair.stagger 
_ndb_struct_na_base_pair.buckle 
_ndb_struct_na_base_pair.propeller 
_ndb_struct_na_base_pair.opening 
_ndb_struct_na_base_pair.pair_number 
_ndb_struct_na_base_pair.pair_name 
_ndb_struct_na_base_pair.i_auth_asym_id 
_ndb_struct_na_base_pair.i_auth_seq_id 
_ndb_struct_na_base_pair.i_PDB_ins_code 
_ndb_struct_na_base_pair.j_auth_asym_id 
_ndb_struct_na_base_pair.j_auth_seq_id 
_ndb_struct_na_base_pair.j_PDB_ins_code 
_ndb_struct_na_base_pair.hbond_type_28 
_ndb_struct_na_base_pair.hbond_type_12 
1 A C 1  1_555 A G 20 1_555 0.077  -0.093 -0.141 4.695   -8.608  -5.939  1  A_C1:G20_A  A 1  ? A 20 ? 19 1  
1 A U 2  1_555 A A 19 1_555 -0.224 -0.253 0.185  1.934   -14.773 -1.308  2  A_U2:A19_A  A 2  ? A 19 ? 20 1  
1 A G 3  1_555 A C 18 1_555 0.159  -0.107 -0.151 -10.408 -9.593  -1.279  3  A_G3:C18_A  A 3  ? A 18 ? 19 1  
1 A G 4  1_555 A C 17 1_555 -0.161 -0.296 0.215  -5.524  -10.804 -3.067  4  A_G4:C17_A  A 4  ? A 17 ? 19 1  
1 A G 5  1_555 A C 16 1_555 0.258  -0.131 -0.302 -11.988 -14.052 -5.436  5  A_G5:C16_A  A 5  ? A 16 ? 19 1  
1 A U 6  1_555 A A 28 1_555 -0.380 3.134  0.761  -29.189 -11.392 -72.010 6  A_U6:A28_A  A 6  ? A 28 ? 23 3  
1 A A 14 1_555 A A 29 1_555 2.721  1.767  0.733  -15.354 -21.281 -12.132 7  A_A14:A29_A A 14 ? A 29 ? ?  ?  
1 A G 11 1_555 A C 30 1_555 -0.362 -0.527 0.365  -4.611  -20.129 -5.057  8  A_G11:C30_A A 11 ? A 30 ? 19 1  
1 A G 8  1_555 A A 31 1_555 3.512  -4.088 -0.561 18.766  10.836  -66.607 9  A_G8:A31_A  A 8  ? A 31 ? 10 6  
1 A A 10 1_555 A A 32 1_555 6.458  -4.602 0.059  3.139   -10.715 -23.985 10 A_A10:A32_A A 10 ? A 32 ? ?  10 
1 A G 33 1_555 A C 9  1_555 0.234  -0.400 0.246  1.935   -4.286  -3.727  11 A_G33:C9_A  A 33 ? A 9  ? 19 1  
# 
loop_
_ndb_struct_na_base_pair_step.model_number 
_ndb_struct_na_base_pair_step.i_label_asym_id_1 
_ndb_struct_na_base_pair_step.i_label_comp_id_1 
_ndb_struct_na_base_pair_step.i_label_seq_id_1 
_ndb_struct_na_base_pair_step.i_symmetry_1 
_ndb_struct_na_base_pair_step.j_label_asym_id_1 
_ndb_struct_na_base_pair_step.j_label_comp_id_1 
_ndb_struct_na_base_pair_step.j_label_seq_id_1 
_ndb_struct_na_base_pair_step.j_symmetry_1 
_ndb_struct_na_base_pair_step.i_label_asym_id_2 
_ndb_struct_na_base_pair_step.i_label_comp_id_2 
_ndb_struct_na_base_pair_step.i_label_seq_id_2 
_ndb_struct_na_base_pair_step.i_symmetry_2 
_ndb_struct_na_base_pair_step.j_label_asym_id_2 
_ndb_struct_na_base_pair_step.j_label_comp_id_2 
_ndb_struct_na_base_pair_step.j_label_seq_id_2 
_ndb_struct_na_base_pair_step.j_symmetry_2 
_ndb_struct_na_base_pair_step.shift 
_ndb_struct_na_base_pair_step.slide 
_ndb_struct_na_base_pair_step.rise 
_ndb_struct_na_base_pair_step.tilt 
_ndb_struct_na_base_pair_step.roll 
_ndb_struct_na_base_pair_step.twist 
_ndb_struct_na_base_pair_step.x_displacement 
_ndb_struct_na_base_pair_step.y_displacement 
_ndb_struct_na_base_pair_step.helical_rise 
_ndb_struct_na_base_pair_step.inclination 
_ndb_struct_na_base_pair_step.tip 
_ndb_struct_na_base_pair_step.helical_twist 
_ndb_struct_na_base_pair_step.step_number 
_ndb_struct_na_base_pair_step.step_name 
_ndb_struct_na_base_pair_step.i_auth_asym_id_1 
_ndb_struct_na_base_pair_step.i_auth_seq_id_1 
_ndb_struct_na_base_pair_step.i_PDB_ins_code_1 
_ndb_struct_na_base_pair_step.j_auth_asym_id_1 
_ndb_struct_na_base_pair_step.j_auth_seq_id_1 
_ndb_struct_na_base_pair_step.j_PDB_ins_code_1 
_ndb_struct_na_base_pair_step.i_auth_asym_id_2 
_ndb_struct_na_base_pair_step.i_auth_seq_id_2 
_ndb_struct_na_base_pair_step.i_PDB_ins_code_2 
_ndb_struct_na_base_pair_step.j_auth_asym_id_2 
_ndb_struct_na_base_pair_step.j_auth_seq_id_2 
_ndb_struct_na_base_pair_step.j_PDB_ins_code_2 
1 A C 1  1_555 A G 20 1_555 A U 2  1_555 A A 19 1_555 0.738  -1.732 3.261  -0.049   5.882    34.524   -3.723 -1.234 2.934  9.822   
0.083   35.007   1  AA_C1U2:A19G20_AA   A 1  ? A 20 ? A 2  ? A 19 ? 
1 A U 2  1_555 A A 19 1_555 A G 3  1_555 A C 18 1_555 -0.359 -1.643 3.365  3.362    14.219   33.698   -4.426 0.999  2.451  23.219  
-5.491  36.644   2  AA_U2G3:C18A19_AA   A 2  ? A 19 ? A 3  ? A 18 ? 
1 A G 3  1_555 A C 18 1_555 A G 4  1_555 A C 17 1_555 0.362  -1.548 3.169  -0.911   3.633    25.820   -4.356 -1.034 2.913  8.075   
2.026   26.086   3  AA_G3G4:C17C18_AA   A 3  ? A 18 ? A 4  ? A 17 ? 
1 A G 4  1_555 A C 17 1_555 A G 5  1_555 A C 16 1_555 0.184  -1.665 3.509  4.300    6.993    39.986   -3.187 0.227  3.188  10.098  
-6.209  40.786   4  AA_G4G5:C16C17_AA   A 4  ? A 17 ? A 5  ? A 16 ? 
1 A G 5  1_555 A C 16 1_555 A U 6  1_555 A A 28 1_555 -6.395 -0.647 1.634  12.600   -3.999   20.675   -1.551 14.984 -1.767 -9.937  
-31.312 24.501   5  AA_G5U6:A28C16_AA   A 5  ? A 16 ? A 6  ? A 28 ? 
1 A U 6  1_555 A A 28 1_555 A A 14 1_555 A A 29 1_555 -0.244 -2.699 -2.805 -139.238 -102.421 123.176  -1.681 0.572  -1.615 -51.465 
69.965  176.600  6  AA_U6A14:A29A28_AA  A 6  ? A 28 ? A 14 ? A 29 ? 
1 A A 14 1_555 A A 29 1_555 A G 11 1_555 A C 30 1_555 0.246  0.647  -3.316 1.185    -5.645   -44.876  -1.347 0.214  -3.221 7.358   
1.545   -45.227  7  AA_A14G11:C30A29_AA A 14 ? A 29 ? A 11 ? A 30 ? 
1 A G 11 1_555 A C 30 1_555 A G 8  1_555 A A 31 1_555 -2.608 3.093  3.165  -170.348 -9.168   -113.227 -1.512 -1.973 1.307  4.626   
-85.946 -174.828 8  AA_G11G8:A31C30_AA  A 11 ? A 30 ? A 8  ? A 31 ? 
1 A G 8  1_555 A A 31 1_555 A A 10 1_555 A A 32 1_555 -6.056 2.785  -1.892 155.637  39.513   -17.086  -1.728 -1.826 4.841  -21.788 
85.821  -160.792 9  AA_G8A10:A32A31_AA  A 8  ? A 31 ? A 10 ? A 32 ? 
1 A A 10 1_555 A A 32 1_555 A G 33 1_555 A C 9  1_555 1.482  3.079  1.738  -153.314 93.644   -127.279 -1.732 0.427  1.407  -46.832 
-76.673 -179.845 10 AA_A10G33:C9A32_AA  A 10 ? A 32 ? A 33 ? A 9  ? 
# 
loop_
_pdbx_entity_nonpoly.entity_id 
_pdbx_entity_nonpoly.name 
_pdbx_entity_nonpoly.comp_id 
2 'SULFATE ION'   SO4 
3 'MAGNESIUM ION' MG  
4 water           HOH 
# 
_pdbx_initial_refinement_model.id               1 
_pdbx_initial_refinement_model.entity_id_list   ? 
_pdbx_initial_refinement_model.type             'experimental model' 
_pdbx_initial_refinement_model.source_name      PDB 
_pdbx_initial_refinement_model.accession_code   3GCA 
_pdbx_initial_refinement_model.details          ? 
# 
